data_6F6U
#
_entry.id   6F6U
#
_cell.length_a   64.827
_cell.length_b   98.936
_cell.length_c   119.532
_cell.angle_alpha   90.00
_cell.angle_beta   90.00
_cell.angle_gamma   90.00
#
_symmetry.space_group_name_H-M   'P 21 21 21'
#
loop_
_entity.id
_entity.type
_entity.pdbx_description
1 polymer "cAMP-specific 3',5'-cyclic phosphodiesterase 4D"
2 non-polymer 'MAGNESIUM ION'
3 non-polymer 'ZINC ION'
4 non-polymer 2-[(~{E})-(3-cyclopentyloxy-4-methoxy-phenyl)methylideneamino]oxy-1-[(2~{R},6~{S})-2,6-dimethylmorpholin-4-yl]ethanone
5 non-polymer GLYCEROL
6 water water
#
_entity_poly.entity_id   1
_entity_poly.type   'polypeptide(L)'
_entity_poly.pdbx_seq_one_letter_code
;MSIPRFGVKTEQEDVLAKELEDVNKWGLHVFRIAELSGNRPLTVIMHTIFQERDLLKTFKIPVDTLITYLMTLEDHYHAD
VAYHNNIHAADVVQSTHVLLSTPALEAVFTDLEILAAIFASAIHDVDHPGVSNQFLINTNSELALMYNDSSVLENHHLAV
GFKLLQEENCDIFQNLTKKQRQSLRKMVIDIVLATDMSKHMNLLADLKTMVETKKVTSSGVLLLDNYSDRIQVLQNMVHC
ADLSNPTKPLQLYRQWTDRIMEEFFRQGDRERERGMEISPMCDKHNASVEKSQVGFIDYIVHPLWETWADLVHPDAQDIL
DTLEDNREWYQSTIPQAHHHHHH
;
_entity_poly.pdbx_strand_id   A,B
#
loop_
_chem_comp.id
_chem_comp.type
_chem_comp.name
_chem_comp.formula
CV8 non-polymer 2-[(~{E})-(3-cyclopentyloxy-4-methoxy-phenyl)methylideneamino]oxy-1-[(2~{R},6~{S})-2,6-dimethylmorpholin-4-yl]ethanone 'C21 H30 N2 O5'
GOL non-polymer GLYCEROL 'C3 H8 O3'
MG non-polymer 'MAGNESIUM ION' 'Mg 2'
ZN non-polymer 'ZINC ION' 'Zn 2'
#
# COMPACT_ATOMS: atom_id res chain seq x y z
N VAL A 8 -15.93 -34.47 5.85
CA VAL A 8 -16.30 -33.44 6.80
C VAL A 8 -15.11 -33.08 7.68
N LYS A 9 -14.84 -31.79 7.84
CA LYS A 9 -13.62 -31.34 8.51
C LYS A 9 -13.87 -30.84 9.94
N THR A 10 -15.11 -30.94 10.39
CA THR A 10 -15.48 -30.49 11.72
C THR A 10 -16.55 -31.42 12.30
N GLU A 11 -16.63 -31.49 13.62
CA GLU A 11 -17.63 -32.32 14.29
C GLU A 11 -19.03 -31.79 14.06
N GLN A 12 -19.89 -32.64 13.49
CA GLN A 12 -21.28 -32.30 13.24
C GLN A 12 -22.12 -33.56 13.38
N GLU A 13 -23.41 -33.45 13.05
CA GLU A 13 -24.29 -34.61 13.06
C GLU A 13 -25.74 -34.23 12.78
N ASP A 14 -26.12 -34.13 11.51
CA ASP A 14 -25.22 -34.25 10.35
C ASP A 14 -25.98 -33.71 9.13
N VAL A 15 -26.33 -34.59 8.19
CA VAL A 15 -27.10 -34.23 6.98
C VAL A 15 -26.46 -33.04 6.24
N LEU A 16 -25.31 -32.62 6.74
CA LEU A 16 -24.51 -31.59 6.13
C LEU A 16 -24.11 -32.01 4.71
N ALA A 17 -23.98 -33.32 4.52
CA ALA A 17 -23.53 -33.89 3.25
C ALA A 17 -24.49 -33.56 2.10
N LYS A 18 -25.79 -33.70 2.36
CA LYS A 18 -26.79 -33.38 1.35
C LYS A 18 -26.71 -31.91 0.92
N GLU A 19 -26.44 -31.01 1.86
CA GLU A 19 -26.31 -29.60 1.54
C GLU A 19 -25.01 -29.32 0.79
N LEU A 20 -23.95 -30.01 1.19
CA LEU A 20 -22.63 -29.80 0.57
C LEU A 20 -22.59 -30.35 -0.85
N GLU A 21 -23.66 -31.04 -1.25
CA GLU A 21 -23.77 -31.52 -2.63
C GLU A 21 -23.90 -30.34 -3.59
N ASP A 22 -24.30 -29.20 -3.05
CA ASP A 22 -24.45 -28.00 -3.86
C ASP A 22 -23.22 -27.09 -3.81
N VAL A 23 -22.10 -27.61 -3.31
CA VAL A 23 -20.90 -26.78 -3.20
C VAL A 23 -20.42 -26.28 -4.58
N ASN A 24 -20.83 -26.98 -5.64
CA ASN A 24 -20.45 -26.56 -7.00
C ASN A 24 -21.54 -25.73 -7.67
N LYS A 25 -22.52 -25.27 -6.91
CA LYS A 25 -23.64 -24.54 -7.51
C LYS A 25 -23.81 -23.17 -6.90
N TRP A 26 -24.17 -22.21 -7.75
CA TRP A 26 -24.61 -20.91 -7.30
C TRP A 26 -25.86 -21.17 -6.46
N GLY A 27 -25.94 -20.61 -5.27
CA GLY A 27 -27.13 -20.82 -4.47
C GLY A 27 -27.02 -21.94 -3.46
N LEU A 28 -25.80 -22.40 -3.24
CA LEU A 28 -25.49 -23.17 -2.03
C LEU A 28 -26.14 -22.47 -0.84
N HIS A 29 -26.81 -23.17 0.05
CA HIS A 29 -27.35 -22.45 1.20
C HIS A 29 -26.31 -22.45 2.28
N VAL A 30 -25.51 -21.40 2.27
CA VAL A 30 -24.34 -21.33 3.13
C VAL A 30 -24.74 -21.06 4.60
N PHE A 31 -25.91 -20.46 4.82
CA PHE A 31 -26.37 -20.23 6.18
C PHE A 31 -26.77 -21.55 6.82
N ARG A 32 -27.39 -22.41 6.02
CA ARG A 32 -27.71 -23.76 6.46
C ARG A 32 -26.43 -24.48 6.85
N ILE A 33 -25.41 -24.38 5.99
CA ILE A 33 -24.12 -25.00 6.24
C ILE A 33 -23.52 -24.53 7.57
N ALA A 34 -23.61 -23.22 7.81
CA ALA A 34 -23.15 -22.63 9.05
C ALA A 34 -23.82 -23.29 10.25
N GLU A 35 -25.14 -23.36 10.20
CA GLU A 35 -25.92 -23.99 11.27
C GLU A 35 -25.54 -25.44 11.49
N LEU A 36 -25.58 -26.22 10.40
CA LEU A 36 -25.31 -27.65 10.45
C LEU A 36 -23.88 -28.02 10.83
N SER A 37 -22.97 -27.05 10.79
CA SER A 37 -21.55 -27.36 10.99
C SER A 37 -21.03 -26.80 12.30
N GLY A 38 -21.91 -26.23 13.10
CA GLY A 38 -21.53 -25.67 14.39
C GLY A 38 -20.84 -24.33 14.19
N ASN A 39 -21.36 -23.55 13.24
CA ASN A 39 -20.79 -22.27 12.86
C ASN A 39 -19.35 -22.41 12.39
N ARG A 40 -19.11 -23.42 11.56
CA ARG A 40 -17.81 -23.61 10.92
C ARG A 40 -17.92 -23.70 9.41
N PRO A 41 -18.68 -22.77 8.79
CA PRO A 41 -18.90 -22.86 7.34
C PRO A 41 -17.61 -22.68 6.55
N LEU A 42 -16.70 -21.83 7.03
CA LEU A 42 -15.46 -21.59 6.29
C LEU A 42 -14.56 -22.83 6.31
N THR A 43 -14.46 -23.46 7.47
CA THR A 43 -13.62 -24.64 7.58
C THR A 43 -14.21 -25.77 6.70
N VAL A 44 -15.51 -26.01 6.85
CA VAL A 44 -16.18 -27.09 6.14
C VAL A 44 -16.10 -26.92 4.62
N ILE A 45 -16.46 -25.74 4.15
CA ILE A 45 -16.46 -25.49 2.71
C ILE A 45 -15.03 -25.49 2.13
N MET A 46 -14.08 -24.89 2.84
CA MET A 46 -12.69 -24.92 2.36
C MET A 46 -12.19 -26.35 2.30
N HIS A 47 -12.42 -27.11 3.37
CA HIS A 47 -11.97 -28.50 3.38
C HIS A 47 -12.57 -29.27 2.21
N THR A 48 -13.87 -29.08 1.98
CA THR A 48 -14.55 -29.72 0.86
C THR A 48 -13.93 -29.34 -0.49
N ILE A 49 -13.65 -28.05 -0.66
CA ILE A 49 -13.15 -27.58 -1.94
C ILE A 49 -11.73 -28.11 -2.19
N PHE A 50 -10.90 -28.10 -1.15
CA PHE A 50 -9.53 -28.60 -1.27
C PHE A 50 -9.50 -30.08 -1.64
N GLN A 51 -10.41 -30.85 -1.06
CA GLN A 51 -10.52 -32.25 -1.42
C GLN A 51 -11.04 -32.42 -2.85
N GLU A 52 -12.07 -31.66 -3.21
CA GLU A 52 -12.65 -31.76 -4.55
C GLU A 52 -11.63 -31.45 -5.64
N ARG A 53 -10.81 -30.45 -5.38
CA ARG A 53 -9.86 -29.98 -6.37
C ARG A 53 -8.50 -30.67 -6.20
N ASP A 54 -8.46 -31.63 -5.27
CA ASP A 54 -7.26 -32.45 -5.05
C ASP A 54 -6.05 -31.61 -4.66
N LEU A 55 -6.32 -30.49 -4.01
CA LEU A 55 -5.25 -29.56 -3.70
C LEU A 55 -4.31 -30.09 -2.63
N LEU A 56 -4.79 -30.97 -1.74
CA LEU A 56 -3.90 -31.51 -0.71
C LEU A 56 -2.80 -32.34 -1.35
N LYS A 57 -3.21 -33.20 -2.27
CA LYS A 57 -2.24 -34.05 -2.94
C LYS A 57 -1.25 -33.24 -3.80
N THR A 58 -1.77 -32.27 -4.54
CA THR A 58 -0.95 -31.47 -5.45
C THR A 58 0.14 -30.72 -4.73
N PHE A 59 -0.21 -30.12 -3.59
CA PHE A 59 0.70 -29.23 -2.88
C PHE A 59 1.21 -29.83 -1.59
N LYS A 60 0.93 -31.12 -1.43
CA LYS A 60 1.38 -31.89 -0.26
C LYS A 60 1.03 -31.15 1.02
N ILE A 61 -0.24 -30.79 1.14
CA ILE A 61 -0.79 -30.17 2.34
C ILE A 61 -1.34 -31.25 3.24
N PRO A 62 -0.74 -31.44 4.42
CA PRO A 62 -1.30 -32.36 5.42
C PRO A 62 -2.72 -31.94 5.80
N VAL A 63 -3.65 -32.89 5.85
CA VAL A 63 -5.05 -32.54 6.09
C VAL A 63 -5.23 -31.91 7.47
N ASP A 64 -4.49 -32.39 8.47
CA ASP A 64 -4.65 -31.87 9.82
C ASP A 64 -4.10 -30.44 9.89
N THR A 65 -3.08 -30.17 9.09
CA THR A 65 -2.53 -28.81 8.99
C THR A 65 -3.54 -27.87 8.33
N LEU A 66 -4.22 -28.37 7.31
CA LEU A 66 -5.23 -27.56 6.64
C LEU A 66 -6.37 -27.26 7.61
N ILE A 67 -6.87 -28.28 8.30
CA ILE A 67 -7.95 -28.06 9.25
C ILE A 67 -7.53 -27.14 10.38
N THR A 68 -6.29 -27.30 10.88
CA THR A 68 -5.82 -26.45 11.97
C THR A 68 -5.76 -24.98 11.55
N TYR A 69 -5.26 -24.74 10.34
CA TYR A 69 -5.19 -23.38 9.83
C TYR A 69 -6.58 -22.78 9.61
N LEU A 70 -7.50 -23.58 9.08
CA LEU A 70 -8.86 -23.11 8.80
C LEU A 70 -9.61 -22.79 10.10
N MET A 71 -9.38 -23.61 11.12
CA MET A 71 -10.03 -23.36 12.41
C MET A 71 -9.52 -22.06 13.00
N THR A 72 -8.21 -21.83 12.90
CA THR A 72 -7.61 -20.60 13.38
C THR A 72 -8.08 -19.38 12.59
N LEU A 73 -8.06 -19.51 11.26
CA LEU A 73 -8.55 -18.45 10.38
C LEU A 73 -10.01 -18.11 10.70
N GLU A 74 -10.83 -19.15 10.81
CA GLU A 74 -12.25 -18.95 11.12
C GLU A 74 -12.45 -18.24 12.45
N ASP A 75 -11.70 -18.64 13.47
CA ASP A 75 -11.77 -17.96 14.77
C ASP A 75 -11.45 -16.48 14.71
N HIS A 76 -10.72 -16.04 13.68
CA HIS A 76 -10.31 -14.64 13.62
C HIS A 76 -11.26 -13.78 12.78
N TYR A 77 -12.36 -14.38 12.31
CA TYR A 77 -13.51 -13.60 11.86
C TYR A 77 -14.39 -13.36 13.08
N HIS A 78 -14.81 -12.12 13.30
CA HIS A 78 -15.55 -11.76 14.52
C HIS A 78 -16.95 -12.32 14.52
N ALA A 79 -17.32 -13.04 15.59
CA ALA A 79 -18.66 -13.60 15.68
C ALA A 79 -19.74 -12.54 15.84
N ASP A 80 -19.40 -11.39 16.41
CA ASP A 80 -20.41 -10.37 16.69
C ASP A 80 -20.51 -9.32 15.60
N VAL A 81 -19.97 -9.63 14.43
CA VAL A 81 -20.11 -8.74 13.28
C VAL A 81 -21.12 -9.35 12.31
N ALA A 82 -22.13 -8.57 11.96
CA ALA A 82 -23.32 -9.12 11.29
C ALA A 82 -23.04 -9.63 9.88
N TYR A 83 -22.19 -8.91 9.15
CA TYR A 83 -21.97 -9.27 7.75
C TYR A 83 -20.53 -9.77 7.50
N HIS A 84 -19.54 -8.98 7.88
CA HIS A 84 -18.17 -9.35 7.58
C HIS A 84 -17.63 -10.37 8.57
N ASN A 85 -18.19 -11.58 8.51
CA ASN A 85 -17.89 -12.66 9.43
C ASN A 85 -17.48 -13.94 8.68
N ASN A 86 -17.34 -15.05 9.39
CA ASN A 86 -16.90 -16.30 8.76
C ASN A 86 -17.86 -16.83 7.71
N ILE A 87 -19.15 -16.46 7.80
CA ILE A 87 -20.12 -16.93 6.80
C ILE A 87 -19.89 -16.18 5.50
N HIS A 88 -19.59 -14.88 5.58
CA HIS A 88 -19.28 -14.11 4.37
C HIS A 88 -18.00 -14.64 3.71
N ALA A 89 -17.01 -14.99 4.53
CA ALA A 89 -15.76 -15.54 4.01
C ALA A 89 -16.03 -16.84 3.30
N ALA A 90 -16.82 -17.71 3.93
CA ALA A 90 -17.20 -18.99 3.34
C ALA A 90 -17.94 -18.79 2.01
N ASP A 91 -18.83 -17.80 1.99
CA ASP A 91 -19.62 -17.47 0.82
C ASP A 91 -18.73 -17.06 -0.35
N VAL A 92 -17.77 -16.19 -0.08
CA VAL A 92 -16.92 -15.67 -1.15
C VAL A 92 -16.02 -16.79 -1.67
N VAL A 93 -15.51 -17.59 -0.74
CA VAL A 93 -14.75 -18.78 -1.11
C VAL A 93 -15.55 -19.67 -2.06
N GLN A 94 -16.76 -20.01 -1.66
CA GLN A 94 -17.57 -20.96 -2.44
C GLN A 94 -17.95 -20.34 -3.78
N SER A 95 -18.19 -19.04 -3.78
CA SER A 95 -18.59 -18.33 -4.98
C SER A 95 -17.42 -18.26 -5.99
N THR A 96 -16.23 -18.00 -5.46
CA THR A 96 -15.05 -18.06 -6.28
C THR A 96 -14.85 -19.47 -6.84
N HIS A 97 -15.10 -20.48 -6.00
CA HIS A 97 -14.94 -21.88 -6.41
C HIS A 97 -15.86 -22.21 -7.60
N VAL A 98 -17.06 -21.64 -7.58
CA VAL A 98 -17.98 -21.83 -8.71
C VAL A 98 -17.50 -21.08 -9.95
N LEU A 99 -17.19 -19.80 -9.81
CA LEU A 99 -16.67 -19.03 -10.93
C LEU A 99 -15.43 -19.63 -11.58
N LEU A 100 -14.58 -20.27 -10.78
CA LEU A 100 -13.34 -20.83 -11.33
C LEU A 100 -13.66 -21.93 -12.33
N SER A 101 -14.81 -22.56 -12.17
CA SER A 101 -15.12 -23.73 -12.98
C SER A 101 -15.98 -23.39 -14.19
N THR A 102 -16.18 -22.11 -14.45
CA THR A 102 -17.01 -21.67 -15.56
C THR A 102 -16.37 -22.18 -16.86
N PRO A 103 -17.20 -22.69 -17.79
CA PRO A 103 -16.68 -23.34 -19.00
C PRO A 103 -15.74 -22.47 -19.83
N ALA A 104 -15.97 -21.16 -19.82
CA ALA A 104 -15.16 -20.24 -20.61
C ALA A 104 -13.75 -20.15 -20.06
N LEU A 105 -13.55 -20.67 -18.85
CA LEU A 105 -12.24 -20.60 -18.20
C LEU A 105 -11.58 -21.96 -18.08
N GLU A 106 -12.13 -22.95 -18.77
CA GLU A 106 -11.63 -24.33 -18.69
C GLU A 106 -10.14 -24.41 -18.95
N ALA A 107 -9.40 -24.94 -17.98
CA ALA A 107 -7.97 -25.18 -18.11
C ALA A 107 -7.12 -23.93 -18.32
N VAL A 108 -7.68 -22.75 -18.05
CA VAL A 108 -6.92 -21.52 -18.20
C VAL A 108 -5.89 -21.32 -17.08
N PHE A 109 -6.28 -21.66 -15.86
CA PHE A 109 -5.45 -21.40 -14.67
C PHE A 109 -4.71 -22.63 -14.16
N THR A 110 -3.52 -22.40 -13.64
CA THR A 110 -2.72 -23.44 -12.99
C THR A 110 -3.32 -23.78 -11.62
N ASP A 111 -2.93 -24.93 -11.08
CA ASP A 111 -3.37 -25.28 -9.74
C ASP A 111 -2.88 -24.25 -8.73
N LEU A 112 -1.73 -23.63 -8.98
CA LEU A 112 -1.22 -22.63 -8.04
C LEU A 112 -2.11 -21.38 -8.07
N GLU A 113 -2.56 -21.02 -9.26
CA GLU A 113 -3.43 -19.86 -9.41
C GLU A 113 -4.80 -20.11 -8.76
N ILE A 114 -5.30 -21.34 -8.92
CA ILE A 114 -6.56 -21.74 -8.31
C ILE A 114 -6.44 -21.66 -6.79
N LEU A 115 -5.32 -22.18 -6.27
CA LEU A 115 -5.05 -22.14 -4.84
C LEU A 115 -4.99 -20.70 -4.33
N ALA A 116 -4.31 -19.82 -5.06
CA ALA A 116 -4.23 -18.41 -4.69
C ALA A 116 -5.62 -17.76 -4.62
N ALA A 117 -6.46 -17.99 -5.63
CA ALA A 117 -7.79 -17.39 -5.67
C ALA A 117 -8.61 -17.84 -4.47
N ILE A 118 -8.54 -19.13 -4.17
CA ILE A 118 -9.35 -19.72 -3.12
C ILE A 118 -8.84 -19.24 -1.76
N PHE A 119 -7.53 -19.27 -1.58
CA PHE A 119 -6.92 -18.78 -0.35
C PHE A 119 -7.20 -17.29 -0.15
N ALA A 120 -7.06 -16.50 -1.21
CA ALA A 120 -7.36 -15.08 -1.09
C ALA A 120 -8.82 -14.88 -0.66
N SER A 121 -9.73 -15.64 -1.29
CA SER A 121 -11.14 -15.54 -0.93
C SER A 121 -11.34 -15.83 0.56
N ALA A 122 -10.66 -16.85 1.07
CA ALA A 122 -10.83 -17.27 2.46
C ALA A 122 -10.35 -16.23 3.48
N ILE A 123 -9.24 -15.57 3.17
CA ILE A 123 -8.69 -14.61 4.14
C ILE A 123 -9.15 -13.17 3.91
N HIS A 124 -9.92 -12.93 2.86
CA HIS A 124 -9.97 -11.57 2.33
C HIS A 124 -10.63 -10.54 3.25
N ASP A 125 -11.39 -10.99 4.25
CA ASP A 125 -11.96 -10.06 5.25
C ASP A 125 -11.60 -10.44 6.70
N VAL A 126 -10.54 -11.22 6.91
CA VAL A 126 -10.28 -11.73 8.26
C VAL A 126 -9.99 -10.59 9.25
N ASP A 127 -10.53 -10.73 10.47
CA ASP A 127 -10.39 -9.73 11.54
C ASP A 127 -11.06 -8.41 11.16
N HIS A 128 -12.08 -8.48 10.33
CA HIS A 128 -12.86 -7.29 10.00
C HIS A 128 -13.56 -6.79 11.26
N PRO A 129 -13.47 -5.48 11.54
CA PRO A 129 -14.08 -4.97 12.77
C PRO A 129 -15.53 -4.51 12.58
N GLY A 130 -16.07 -4.60 11.37
CA GLY A 130 -17.46 -4.21 11.16
C GLY A 130 -17.63 -2.71 10.97
N VAL A 131 -16.53 -2.01 10.68
CA VAL A 131 -16.59 -0.60 10.31
C VAL A 131 -15.74 -0.39 9.04
N SER A 132 -16.06 0.66 8.28
CA SER A 132 -15.44 0.93 7.00
C SER A 132 -14.03 1.53 7.08
N ASN A 133 -13.27 1.47 5.99
CA ASN A 133 -12.00 2.18 5.91
C ASN A 133 -12.13 3.64 6.31
N GLN A 134 -13.14 4.31 5.78
CA GLN A 134 -13.27 5.74 6.04
C GLN A 134 -13.53 6.00 7.52
N PHE A 135 -14.31 5.14 8.15
CA PHE A 135 -14.53 5.26 9.60
C PHE A 135 -13.21 5.14 10.35
N LEU A 136 -12.42 4.14 9.96
CA LEU A 136 -11.12 3.91 10.60
C LEU A 136 -10.18 5.11 10.41
N ILE A 137 -10.32 5.77 9.27
CA ILE A 137 -9.48 6.93 8.98
C ILE A 137 -9.96 8.13 9.79
N ASN A 138 -11.27 8.32 9.79
CA ASN A 138 -11.88 9.48 10.45
C ASN A 138 -11.68 9.46 11.94
N THR A 139 -11.55 8.26 12.51
CA THR A 139 -11.40 8.12 13.96
C THR A 139 -9.93 7.97 14.36
N ASN A 140 -9.04 8.17 13.39
CA ASN A 140 -7.60 8.11 13.66
C ASN A 140 -7.21 6.80 14.32
N SER A 141 -7.75 5.70 13.79
CA SER A 141 -7.47 4.38 14.30
C SER A 141 -5.99 4.05 14.17
N GLU A 142 -5.52 3.22 15.08
CA GLU A 142 -4.17 2.70 14.99
C GLU A 142 -3.98 1.96 13.66
N LEU A 143 -5.02 1.29 13.16
CA LEU A 143 -4.91 0.61 11.88
C LEU A 143 -4.63 1.57 10.73
N ALA A 144 -5.31 2.71 10.72
CA ALA A 144 -5.14 3.68 9.65
C ALA A 144 -3.79 4.37 9.77
N LEU A 145 -3.30 4.47 10.99
CA LEU A 145 -1.99 5.02 11.24
C LEU A 145 -0.94 4.06 10.71
N MET A 146 -1.17 2.77 10.95
CA MET A 146 -0.26 1.73 10.46
CA MET A 146 -0.27 1.73 10.46
C MET A 146 -0.14 1.72 8.93
N TYR A 147 -1.28 1.85 8.25
CA TYR A 147 -1.33 1.68 6.81
C TYR A 147 -1.51 2.98 6.03
N ASN A 148 -1.28 4.11 6.69
CA ASN A 148 -1.25 5.38 6.00
C ASN A 148 -2.52 5.68 5.19
N ASP A 149 -3.65 5.33 5.81
CA ASP A 149 -4.98 5.57 5.26
C ASP A 149 -5.26 4.87 3.94
N SER A 150 -4.38 3.95 3.54
CA SER A 150 -4.44 3.34 2.21
C SER A 150 -4.82 1.86 2.25
N SER A 151 -5.98 1.53 1.67
CA SER A 151 -6.52 0.18 1.74
C SER A 151 -6.28 -0.41 3.13
N VAL A 152 -6.73 0.33 4.14
CA VAL A 152 -6.42 0.00 5.53
C VAL A 152 -6.85 -1.42 5.88
N LEU A 153 -8.14 -1.72 5.73
CA LEU A 153 -8.63 -3.06 6.06
C LEU A 153 -7.99 -4.16 5.20
N GLU A 154 -7.92 -3.91 3.92
CA GLU A 154 -7.45 -4.94 2.99
C GLU A 154 -5.98 -5.29 3.27
N ASN A 155 -5.17 -4.29 3.53
CA ASN A 155 -3.80 -4.56 3.98
C ASN A 155 -3.76 -5.39 5.26
N HIS A 156 -4.64 -5.06 6.19
CA HIS A 156 -4.75 -5.78 7.45
C HIS A 156 -5.19 -7.22 7.25
N HIS A 157 -6.19 -7.44 6.39
CA HIS A 157 -6.70 -8.80 6.18
C HIS A 157 -5.59 -9.72 5.68
N LEU A 158 -4.78 -9.23 4.72
CA LEU A 158 -3.60 -9.97 4.24
C LEU A 158 -2.57 -10.23 5.34
N ALA A 159 -2.20 -9.19 6.09
CA ALA A 159 -1.21 -9.37 7.14
C ALA A 159 -1.64 -10.47 8.13
N VAL A 160 -2.90 -10.45 8.52
CA VAL A 160 -3.41 -11.45 9.44
C VAL A 160 -3.45 -12.83 8.80
N GLY A 161 -3.99 -12.91 7.59
CA GLY A 161 -4.14 -14.19 6.91
C GLY A 161 -2.82 -14.92 6.73
N PHE A 162 -1.78 -14.16 6.39
CA PHE A 162 -0.46 -14.76 6.23
C PHE A 162 0.20 -15.05 7.59
N LYS A 163 0.03 -14.16 8.56
CA LYS A 163 0.69 -14.33 9.86
C LYS A 163 0.19 -15.61 10.54
N LEU A 164 -1.08 -15.93 10.34
CA LEU A 164 -1.67 -17.14 10.95
C LEU A 164 -1.03 -18.44 10.45
N LEU A 165 -0.39 -18.39 9.29
CA LEU A 165 0.35 -19.55 8.79
C LEU A 165 1.48 -19.97 9.74
N GLN A 166 1.89 -19.04 10.59
CA GLN A 166 3.03 -19.29 11.48
C GLN A 166 2.63 -19.93 12.80
N GLU A 167 1.33 -20.07 13.04
CA GLU A 167 0.85 -20.73 14.24
C GLU A 167 1.17 -22.22 14.15
N GLU A 168 1.18 -22.89 15.29
CA GLU A 168 1.59 -24.30 15.36
C GLU A 168 0.79 -25.18 14.41
N ASN A 169 1.49 -25.88 13.53
CA ASN A 169 0.86 -26.78 12.58
C ASN A 169 -0.16 -26.08 11.68
N CYS A 170 0.19 -24.88 11.20
CA CYS A 170 -0.73 -24.06 10.42
C CYS A 170 -0.22 -23.69 9.03
N ASP A 171 1.02 -24.06 8.72
CA ASP A 171 1.59 -23.62 7.46
C ASP A 171 1.19 -24.56 6.36
N ILE A 172 0.08 -24.26 5.70
CA ILE A 172 -0.43 -25.09 4.63
C ILE A 172 0.45 -24.96 3.37
N PHE A 173 1.38 -24.00 3.36
CA PHE A 173 2.23 -23.79 2.19
C PHE A 173 3.65 -24.33 2.40
N GLN A 174 3.82 -25.10 3.46
CA GLN A 174 5.14 -25.55 3.88
C GLN A 174 5.82 -26.37 2.78
N ASN A 175 5.03 -27.02 1.94
CA ASN A 175 5.64 -27.86 0.89
C ASN A 175 5.58 -27.30 -0.53
N LEU A 176 5.25 -26.01 -0.63
CA LEU A 176 5.48 -25.28 -1.86
C LEU A 176 6.98 -25.02 -1.99
N THR A 177 7.45 -24.84 -3.22
CA THR A 177 8.82 -24.40 -3.43
C THR A 177 8.91 -22.94 -3.05
N LYS A 178 10.13 -22.42 -2.99
CA LYS A 178 10.33 -21.02 -2.63
C LYS A 178 9.67 -20.14 -3.68
N LYS A 179 9.89 -20.50 -4.94
CA LYS A 179 9.33 -19.78 -6.07
C LYS A 179 7.80 -19.83 -6.06
N GLN A 180 7.26 -21.01 -5.77
CA GLN A 180 5.81 -21.17 -5.70
C GLN A 180 5.20 -20.31 -4.62
N ARG A 181 5.79 -20.33 -3.42
CA ARG A 181 5.23 -19.55 -2.33
C ARG A 181 5.30 -18.06 -2.69
N GLN A 182 6.41 -17.65 -3.30
CA GLN A 182 6.58 -16.26 -3.72
C GLN A 182 5.51 -15.84 -4.73
N SER A 183 5.25 -16.70 -5.72
CA SER A 183 4.27 -16.37 -6.74
C SER A 183 2.86 -16.32 -6.14
N LEU A 184 2.50 -17.33 -5.35
CA LEU A 184 1.19 -17.36 -4.69
C LEU A 184 1.02 -16.14 -3.78
N ARG A 185 2.09 -15.75 -3.09
CA ARG A 185 2.00 -14.61 -2.19
C ARG A 185 1.69 -13.34 -2.97
N LYS A 186 2.43 -13.10 -4.04
CA LYS A 186 2.15 -11.97 -4.92
C LYS A 186 0.71 -11.97 -5.42
N MET A 187 0.22 -13.11 -5.87
CA MET A 187 -1.14 -13.19 -6.42
C MET A 187 -2.20 -12.94 -5.36
N VAL A 188 -1.98 -13.50 -4.17
CA VAL A 188 -2.98 -13.36 -3.11
C VAL A 188 -3.04 -11.90 -2.69
N ILE A 189 -1.88 -11.26 -2.62
CA ILE A 189 -1.81 -9.85 -2.27
C ILE A 189 -2.51 -9.00 -3.31
N ASP A 190 -2.20 -9.23 -4.58
CA ASP A 190 -2.84 -8.50 -5.67
C ASP A 190 -4.36 -8.66 -5.60
N ILE A 191 -4.82 -9.88 -5.32
CA ILE A 191 -6.25 -10.15 -5.30
C ILE A 191 -6.96 -9.48 -4.12
N VAL A 192 -6.45 -9.67 -2.90
CA VAL A 192 -7.16 -9.08 -1.75
C VAL A 192 -7.14 -7.55 -1.81
N LEU A 193 -6.05 -6.96 -2.28
CA LEU A 193 -6.01 -5.50 -2.36
C LEU A 193 -7.04 -4.99 -3.36
N ALA A 194 -7.35 -5.81 -4.37
CA ALA A 194 -8.37 -5.46 -5.35
C ALA A 194 -9.81 -5.52 -4.80
N THR A 195 -9.99 -5.99 -3.56
CA THR A 195 -11.34 -6.03 -2.99
C THR A 195 -11.71 -4.72 -2.30
N ASP A 196 -10.74 -3.82 -2.16
CA ASP A 196 -10.99 -2.45 -1.71
C ASP A 196 -11.97 -1.76 -2.67
N MET A 197 -13.14 -1.40 -2.15
CA MET A 197 -14.19 -0.80 -2.98
CA MET A 197 -14.20 -0.79 -2.97
C MET A 197 -13.77 0.54 -3.58
N SER A 198 -12.75 1.16 -3.02
CA SER A 198 -12.26 2.42 -3.57
C SER A 198 -11.58 2.18 -4.92
N LYS A 199 -11.31 0.92 -5.25
CA LYS A 199 -10.64 0.57 -6.49
C LYS A 199 -11.61 0.02 -7.53
N HIS A 200 -12.89 -0.01 -7.18
CA HIS A 200 -13.91 -0.63 -8.02
C HIS A 200 -14.01 -0.02 -9.41
N MET A 201 -14.13 1.31 -9.47
CA MET A 201 -14.39 1.96 -10.76
C MET A 201 -13.24 1.72 -11.71
N ASN A 202 -12.01 1.83 -11.21
CA ASN A 202 -10.83 1.60 -12.05
C ASN A 202 -10.73 0.15 -12.51
N LEU A 203 -11.04 -0.77 -11.60
CA LEU A 203 -10.95 -2.20 -11.87
C LEU A 203 -11.94 -2.59 -12.96
N LEU A 204 -13.15 -2.05 -12.86
CA LEU A 204 -14.19 -2.34 -13.83
C LEU A 204 -13.82 -1.73 -15.17
N ALA A 205 -13.35 -0.49 -15.14
CA ALA A 205 -12.91 0.20 -16.33
C ALA A 205 -11.90 -0.64 -17.09
N ASP A 206 -10.94 -1.21 -16.36
CA ASP A 206 -9.91 -2.05 -16.98
C ASP A 206 -10.48 -3.39 -17.43
N LEU A 207 -11.47 -3.89 -16.69
CA LEU A 207 -12.15 -5.13 -17.06
C LEU A 207 -12.91 -4.98 -18.38
N LYS A 208 -13.57 -3.83 -18.58
CA LYS A 208 -14.28 -3.58 -19.83
C LYS A 208 -13.31 -3.58 -20.99
N THR A 209 -12.17 -2.92 -20.79
CA THR A 209 -11.12 -2.86 -21.81
C THR A 209 -10.67 -4.25 -22.21
N MET A 210 -10.36 -5.09 -21.23
CA MET A 210 -9.99 -6.47 -21.50
C MET A 210 -11.06 -7.22 -22.28
N VAL A 211 -12.31 -7.04 -21.88
CA VAL A 211 -13.44 -7.65 -22.58
C VAL A 211 -13.47 -7.28 -24.07
N GLU A 212 -13.28 -6.00 -24.35
CA GLU A 212 -13.30 -5.50 -25.73
C GLU A 212 -12.33 -6.23 -26.63
N THR A 213 -11.19 -6.61 -26.09
CA THR A 213 -10.14 -7.22 -26.89
C THR A 213 -9.85 -8.66 -26.47
N LYS A 214 -10.87 -9.34 -25.95
CA LYS A 214 -10.70 -10.70 -25.46
C LYS A 214 -10.50 -11.67 -26.62
N LYS A 215 -9.85 -12.79 -26.34
CA LYS A 215 -9.60 -13.81 -27.36
C LYS A 215 -10.12 -15.15 -26.89
N VAL A 216 -10.82 -15.85 -27.77
CA VAL A 216 -11.38 -17.14 -27.38
C VAL A 216 -11.05 -18.19 -28.41
N THR A 217 -10.91 -19.43 -27.94
CA THR A 217 -10.73 -20.56 -28.85
C THR A 217 -12.03 -20.82 -29.60
N SER A 218 -12.09 -21.93 -30.30
CA SER A 218 -13.27 -22.29 -31.10
C SER A 218 -14.48 -22.57 -30.21
N SER A 219 -14.24 -23.27 -29.10
CA SER A 219 -15.30 -23.64 -28.19
C SER A 219 -15.66 -22.50 -27.23
N GLY A 220 -15.02 -21.34 -27.44
CA GLY A 220 -15.29 -20.17 -26.65
C GLY A 220 -14.54 -20.09 -25.34
N VAL A 221 -13.38 -20.76 -25.27
CA VAL A 221 -12.57 -20.71 -24.07
C VAL A 221 -11.61 -19.52 -24.14
N LEU A 222 -11.52 -18.78 -23.04
CA LEU A 222 -10.71 -17.56 -23.01
C LEU A 222 -9.23 -17.88 -23.17
N LEU A 223 -8.56 -17.05 -23.96
CA LEU A 223 -7.10 -17.15 -24.09
C LEU A 223 -6.43 -15.99 -23.35
N LEU A 224 -5.78 -16.29 -22.22
CA LEU A 224 -5.03 -15.29 -21.49
C LEU A 224 -3.56 -15.52 -21.79
N ASP A 225 -2.81 -14.46 -22.03
CA ASP A 225 -1.44 -14.64 -22.53
C ASP A 225 -0.38 -14.62 -21.44
N ASN A 226 -0.58 -13.76 -20.44
CA ASN A 226 0.47 -13.47 -19.48
C ASN A 226 -0.07 -13.31 -18.07
N TYR A 227 0.83 -13.03 -17.13
CA TYR A 227 0.42 -12.86 -15.74
C TYR A 227 -0.56 -11.70 -15.62
N SER A 228 -0.32 -10.62 -16.35
CA SER A 228 -1.18 -9.46 -16.30
CA SER A 228 -1.19 -9.46 -16.31
C SER A 228 -2.63 -9.82 -16.64
N ASP A 229 -2.79 -10.61 -17.69
CA ASP A 229 -4.13 -11.07 -18.07
C ASP A 229 -4.73 -11.94 -16.99
N ARG A 230 -3.94 -12.88 -16.48
CA ARG A 230 -4.48 -13.90 -15.60
C ARG A 230 -4.84 -13.29 -14.25
N ILE A 231 -3.96 -12.45 -13.71
CA ILE A 231 -4.20 -11.87 -12.40
C ILE A 231 -5.36 -10.92 -12.47
N GLN A 232 -5.53 -10.27 -13.62
CA GLN A 232 -6.63 -9.35 -13.77
C GLN A 232 -7.97 -10.09 -13.71
N VAL A 233 -8.06 -11.23 -14.39
CA VAL A 233 -9.29 -12.00 -14.37
C VAL A 233 -9.53 -12.51 -12.97
N LEU A 234 -8.47 -12.95 -12.27
CA LEU A 234 -8.64 -13.44 -10.89
C LEU A 234 -9.06 -12.34 -9.93
N GLN A 235 -8.48 -11.16 -10.09
CA GLN A 235 -8.86 -10.02 -9.25
C GLN A 235 -10.35 -9.73 -9.40
N ASN A 236 -10.81 -9.66 -10.64
CA ASN A 236 -12.20 -9.31 -10.89
C ASN A 236 -13.12 -10.43 -10.45
N MET A 237 -12.64 -11.66 -10.56
CA MET A 237 -13.41 -12.84 -10.17
C MET A 237 -13.77 -12.80 -8.69
N VAL A 238 -12.74 -12.60 -7.87
CA VAL A 238 -12.96 -12.55 -6.42
C VAL A 238 -13.73 -11.28 -6.06
N HIS A 239 -13.50 -10.17 -6.77
CA HIS A 239 -14.31 -8.97 -6.59
C HIS A 239 -15.80 -9.26 -6.91
N CYS A 240 -16.06 -9.95 -8.02
CA CYS A 240 -17.44 -10.36 -8.32
C CYS A 240 -18.01 -11.24 -7.20
N ALA A 241 -17.20 -12.14 -6.67
CA ALA A 241 -17.67 -13.07 -5.66
C ALA A 241 -18.01 -12.28 -4.39
N ASP A 242 -17.17 -11.30 -4.08
CA ASP A 242 -17.39 -10.41 -2.94
C ASP A 242 -18.71 -9.65 -3.09
N LEU A 243 -19.03 -9.28 -4.33
CA LEU A 243 -20.23 -8.52 -4.65
C LEU A 243 -21.30 -9.40 -5.31
N SER A 244 -21.39 -10.66 -4.88
CA SER A 244 -22.32 -11.59 -5.53
C SER A 244 -23.67 -11.71 -4.83
N ASN A 245 -23.84 -11.08 -3.66
CA ASN A 245 -25.09 -11.27 -2.89
C ASN A 245 -26.34 -11.07 -3.73
N PRO A 246 -26.42 -9.96 -4.48
CA PRO A 246 -27.70 -9.74 -5.17
C PRO A 246 -27.93 -10.65 -6.39
N THR A 247 -26.97 -11.52 -6.71
CA THR A 247 -27.12 -12.42 -7.87
C THR A 247 -27.51 -13.81 -7.38
N LYS A 248 -27.61 -13.95 -6.08
CA LYS A 248 -27.97 -15.23 -5.48
C LYS A 248 -29.48 -15.40 -5.42
N PRO A 249 -29.95 -16.65 -5.25
CA PRO A 249 -31.37 -16.92 -4.94
C PRO A 249 -31.88 -15.95 -3.88
N LEU A 250 -33.06 -15.39 -4.12
CA LEU A 250 -33.57 -14.28 -3.32
C LEU A 250 -33.50 -14.51 -1.81
N GLN A 251 -33.79 -15.70 -1.33
CA GLN A 251 -33.83 -15.92 0.11
C GLN A 251 -32.45 -15.72 0.73
N LEU A 252 -31.41 -16.07 -0.02
CA LEU A 252 -30.03 -15.80 0.39
C LEU A 252 -29.78 -14.30 0.38
N TYR A 253 -30.11 -13.66 -0.74
CA TYR A 253 -29.93 -12.22 -0.90
C TYR A 253 -30.63 -11.48 0.26
N ARG A 254 -31.84 -11.88 0.60
CA ARG A 254 -32.59 -11.17 1.63
C ARG A 254 -31.88 -11.20 2.98
N GLN A 255 -31.27 -12.33 3.33
CA GLN A 255 -30.51 -12.43 4.58
CA GLN A 255 -30.52 -12.41 4.59
C GLN A 255 -29.23 -11.60 4.53
N TRP A 256 -28.56 -11.56 3.38
CA TRP A 256 -27.34 -10.75 3.27
C TRP A 256 -27.67 -9.26 3.45
N THR A 257 -28.79 -8.84 2.90
CA THR A 257 -29.23 -7.46 3.02
C THR A 257 -29.50 -7.15 4.49
N ASP A 258 -30.23 -8.03 5.18
CA ASP A 258 -30.48 -7.86 6.61
C ASP A 258 -29.19 -7.67 7.39
N ARG A 259 -28.19 -8.51 7.10
CA ARG A 259 -26.93 -8.48 7.82
C ARG A 259 -26.10 -7.24 7.52
N ILE A 260 -25.99 -6.85 6.25
CA ILE A 260 -25.19 -5.65 5.95
C ILE A 260 -25.80 -4.41 6.59
N MET A 261 -27.14 -4.33 6.61
CA MET A 261 -27.77 -3.16 7.22
C MET A 261 -27.57 -3.15 8.73
N GLU A 262 -27.60 -4.32 9.35
CA GLU A 262 -27.37 -4.40 10.78
C GLU A 262 -25.96 -3.90 11.10
N GLU A 263 -25.02 -4.28 10.25
CA GLU A 263 -23.62 -3.92 10.46
C GLU A 263 -23.44 -2.42 10.22
N PHE A 264 -24.03 -1.92 9.12
CA PHE A 264 -23.92 -0.50 8.80
C PHE A 264 -24.53 0.35 9.91
N PHE A 265 -25.72 -0.04 10.37
CA PHE A 265 -26.40 0.72 11.42
C PHE A 265 -25.59 0.81 12.70
N ARG A 266 -24.86 -0.26 13.02
CA ARG A 266 -24.03 -0.26 14.21
C ARG A 266 -22.87 0.74 14.07
N GLN A 267 -22.30 0.87 12.86
CA GLN A 267 -21.31 1.92 12.64
C GLN A 267 -21.92 3.31 12.77
N GLY A 268 -23.12 3.50 12.23
CA GLY A 268 -23.79 4.79 12.32
C GLY A 268 -24.06 5.17 13.78
N ASP A 269 -24.43 4.17 14.58
CA ASP A 269 -24.58 4.39 16.02
C ASP A 269 -23.26 4.85 16.66
N ARG A 270 -22.15 4.27 16.23
CA ARG A 270 -20.86 4.67 16.79
C ARG A 270 -20.54 6.09 16.33
N GLU A 271 -20.86 6.40 15.09
CA GLU A 271 -20.65 7.75 14.56
C GLU A 271 -21.53 8.77 15.27
N ARG A 272 -22.80 8.43 15.44
CA ARG A 272 -23.76 9.33 16.06
C ARG A 272 -23.32 9.62 17.48
N GLU A 273 -22.92 8.56 18.18
CA GLU A 273 -22.51 8.68 19.58
C GLU A 273 -21.33 9.63 19.74
N ARG A 274 -20.45 9.69 18.74
CA ARG A 274 -19.28 10.56 18.81
C ARG A 274 -19.53 11.91 18.16
N GLY A 275 -20.78 12.18 17.80
CA GLY A 275 -21.14 13.43 17.15
C GLY A 275 -20.56 13.59 15.74
N MET A 276 -20.20 12.48 15.11
CA MET A 276 -19.71 12.51 13.74
C MET A 276 -20.85 12.51 12.75
N GLU A 277 -20.60 13.02 11.55
CA GLU A 277 -21.55 12.90 10.46
C GLU A 277 -21.81 11.41 10.23
N ILE A 278 -23.07 11.02 10.09
CA ILE A 278 -23.36 9.61 9.93
C ILE A 278 -23.11 9.23 8.46
N SER A 279 -22.37 8.15 8.25
CA SER A 279 -22.01 7.75 6.89
C SER A 279 -23.23 7.35 6.08
N PRO A 280 -23.16 7.53 4.75
CA PRO A 280 -24.21 7.10 3.83
C PRO A 280 -24.74 5.70 4.16
N MET A 281 -26.06 5.59 4.30
CA MET A 281 -26.74 4.33 4.53
C MET A 281 -26.46 3.68 5.90
N CYS A 282 -25.86 4.45 6.81
CA CYS A 282 -25.61 3.93 8.16
C CYS A 282 -26.53 4.52 9.24
N ASP A 283 -27.53 5.28 8.81
CA ASP A 283 -28.44 5.91 9.75
C ASP A 283 -29.74 5.13 9.86
N LYS A 284 -29.91 4.41 10.98
CA LYS A 284 -31.08 3.55 11.15
C LYS A 284 -32.37 4.35 11.23
N HIS A 285 -32.24 5.63 11.59
CA HIS A 285 -33.41 6.48 11.78
C HIS A 285 -33.90 7.04 10.45
N ASN A 286 -33.04 7.00 9.44
CA ASN A 286 -33.38 7.53 8.14
C ASN A 286 -32.80 6.66 7.05
N ALA A 287 -33.33 5.44 6.95
CA ALA A 287 -32.85 4.48 5.98
C ALA A 287 -33.95 4.09 5.00
N SER A 288 -33.54 3.82 3.77
CA SER A 288 -34.43 3.24 2.79
C SER A 288 -33.74 1.99 2.24
N VAL A 289 -33.73 0.93 3.04
CA VAL A 289 -33.04 -0.32 2.70
C VAL A 289 -33.37 -0.84 1.30
N GLU A 290 -34.65 -0.84 0.94
CA GLU A 290 -35.06 -1.35 -0.36
C GLU A 290 -34.55 -0.46 -1.52
N LYS A 291 -34.79 0.83 -1.41
CA LYS A 291 -34.33 1.76 -2.41
C LYS A 291 -32.80 1.67 -2.55
N SER A 292 -32.12 1.48 -1.42
CA SER A 292 -30.66 1.39 -1.43
C SER A 292 -30.14 0.16 -2.17
N GLN A 293 -30.79 -0.98 -1.97
CA GLN A 293 -30.41 -2.19 -2.72
C GLN A 293 -30.59 -1.98 -4.21
N VAL A 294 -31.68 -1.33 -4.60
CA VAL A 294 -31.90 -1.07 -6.02
C VAL A 294 -30.77 -0.22 -6.60
N GLY A 295 -30.41 0.86 -5.91
CA GLY A 295 -29.31 1.71 -6.36
C GLY A 295 -27.97 0.98 -6.38
N PHE A 296 -27.76 0.12 -5.40
CA PHE A 296 -26.55 -0.69 -5.30
C PHE A 296 -26.39 -1.58 -6.55
N ILE A 297 -27.50 -2.21 -6.93
CA ILE A 297 -27.53 -3.02 -8.14
C ILE A 297 -27.32 -2.15 -9.38
N ASP A 298 -28.09 -1.06 -9.50
CA ASP A 298 -28.00 -0.20 -10.69
C ASP A 298 -26.61 0.38 -10.91
N TYR A 299 -25.95 0.85 -9.85
CA TYR A 299 -24.72 1.61 -10.05
C TYR A 299 -23.44 0.81 -9.75
N ILE A 300 -23.55 -0.31 -9.06
CA ILE A 300 -22.37 -1.12 -8.77
C ILE A 300 -22.47 -2.55 -9.29
N VAL A 301 -23.45 -3.31 -8.82
CA VAL A 301 -23.44 -4.75 -9.01
C VAL A 301 -23.79 -5.17 -10.44
N HIS A 302 -24.81 -4.55 -11.04
CA HIS A 302 -25.14 -4.91 -12.42
C HIS A 302 -24.05 -4.49 -13.41
N PRO A 303 -23.52 -3.26 -13.26
CA PRO A 303 -22.46 -2.88 -14.22
C PRO A 303 -21.26 -3.82 -14.14
N LEU A 304 -20.91 -4.28 -12.94
CA LEU A 304 -19.82 -5.24 -12.77
C LEU A 304 -20.18 -6.57 -13.41
N TRP A 305 -21.32 -7.13 -13.02
CA TRP A 305 -21.71 -8.46 -13.44
C TRP A 305 -22.10 -8.53 -14.93
N GLU A 306 -22.62 -7.42 -15.46
CA GLU A 306 -22.88 -7.34 -16.90
C GLU A 306 -21.58 -7.53 -17.67
N THR A 307 -20.50 -6.98 -17.11
CA THR A 307 -19.19 -7.06 -17.75
C THR A 307 -18.56 -8.44 -17.60
N TRP A 308 -18.59 -9.01 -16.40
CA TRP A 308 -18.13 -10.38 -16.21
C TRP A 308 -18.88 -11.33 -17.15
N ALA A 309 -20.20 -11.13 -17.24
CA ALA A 309 -21.03 -11.97 -18.08
C ALA A 309 -20.54 -11.90 -19.53
N ASP A 310 -20.13 -10.72 -19.95
CA ASP A 310 -19.57 -10.52 -21.30
C ASP A 310 -18.31 -11.34 -21.47
N LEU A 311 -17.41 -11.25 -20.48
CA LEU A 311 -16.15 -11.96 -20.51
C LEU A 311 -16.32 -13.46 -20.69
N VAL A 312 -17.27 -14.05 -19.98
CA VAL A 312 -17.43 -15.49 -19.99
C VAL A 312 -18.66 -15.93 -20.77
N HIS A 313 -19.15 -15.05 -21.63
CA HIS A 313 -20.39 -15.31 -22.36
C HIS A 313 -20.39 -16.68 -23.02
N PRO A 314 -21.48 -17.44 -22.85
CA PRO A 314 -22.73 -17.10 -22.18
C PRO A 314 -22.85 -17.66 -20.75
N ASP A 315 -21.72 -18.02 -20.16
CA ASP A 315 -21.69 -18.76 -18.89
C ASP A 315 -22.52 -18.16 -17.75
N ALA A 316 -22.65 -16.84 -17.74
CA ALA A 316 -23.18 -16.17 -16.55
C ALA A 316 -24.59 -15.65 -16.74
N GLN A 317 -25.23 -16.08 -17.82
CA GLN A 317 -26.56 -15.57 -18.13
C GLN A 317 -27.55 -15.71 -16.98
N ASP A 318 -27.63 -16.89 -16.37
CA ASP A 318 -28.62 -17.14 -15.31
CA ASP A 318 -28.64 -17.11 -15.34
C ASP A 318 -28.35 -16.29 -14.08
N ILE A 319 -27.07 -16.00 -13.85
CA ILE A 319 -26.67 -15.14 -12.75
C ILE A 319 -27.20 -13.74 -12.99
N LEU A 320 -27.10 -13.30 -14.24
CA LEU A 320 -27.61 -12.00 -14.66
C LEU A 320 -29.14 -11.93 -14.57
N ASP A 321 -29.80 -13.00 -15.01
CA ASP A 321 -31.26 -13.07 -14.93
C ASP A 321 -31.73 -13.00 -13.48
N THR A 322 -31.02 -13.69 -12.59
CA THR A 322 -31.38 -13.69 -11.18
C THR A 322 -31.20 -12.30 -10.58
N LEU A 323 -30.10 -11.65 -10.94
CA LEU A 323 -29.86 -10.28 -10.54
C LEU A 323 -31.03 -9.39 -10.93
N GLU A 324 -31.48 -9.53 -12.17
CA GLU A 324 -32.59 -8.70 -12.65
C GLU A 324 -33.88 -8.98 -11.88
N ASP A 325 -34.16 -10.27 -11.60
CA ASP A 325 -35.34 -10.63 -10.83
C ASP A 325 -35.27 -10.08 -9.43
N ASN A 326 -34.08 -10.14 -8.84
CA ASN A 326 -33.89 -9.66 -7.48
C ASN A 326 -33.98 -8.15 -7.39
N ARG A 327 -33.55 -7.46 -8.44
CA ARG A 327 -33.75 -6.02 -8.52
C ARG A 327 -35.24 -5.70 -8.45
N GLU A 328 -36.05 -6.46 -9.20
CA GLU A 328 -37.50 -6.27 -9.23
C GLU A 328 -38.12 -6.45 -7.86
N TRP A 329 -37.60 -7.42 -7.11
CA TRP A 329 -38.12 -7.69 -5.78
C TRP A 329 -37.97 -6.49 -4.86
N TYR A 330 -36.76 -5.95 -4.76
CA TYR A 330 -36.55 -4.82 -3.86
C TYR A 330 -37.29 -3.59 -4.35
N GLN A 331 -37.35 -3.42 -5.67
CA GLN A 331 -38.19 -2.39 -6.28
C GLN A 331 -39.64 -2.51 -5.80
N SER A 332 -40.19 -3.71 -5.90
CA SER A 332 -41.57 -3.98 -5.52
C SER A 332 -41.88 -3.71 -4.05
N THR A 333 -40.83 -3.71 -3.22
CA THR A 333 -41.04 -3.60 -1.78
C THR A 333 -40.61 -2.25 -1.21
N ILE A 334 -40.30 -1.29 -2.08
CA ILE A 334 -40.12 0.08 -1.60
C ILE A 334 -41.46 0.56 -1.05
N PRO A 335 -41.49 1.04 0.20
CA PRO A 335 -42.78 1.53 0.70
C PRO A 335 -43.18 2.83 0.01
N ASP B 14 27.89 29.74 18.63
CA ASP B 14 29.35 29.81 18.56
C ASP B 14 29.84 29.46 17.17
N VAL B 15 30.65 28.41 17.08
CA VAL B 15 31.09 27.90 15.78
C VAL B 15 29.89 27.34 15.03
N LEU B 16 29.00 26.69 15.77
CA LEU B 16 27.78 26.14 15.21
C LEU B 16 26.97 27.21 14.51
N ALA B 17 26.82 28.35 15.17
CA ALA B 17 26.06 29.46 14.61
C ALA B 17 26.61 29.90 13.26
N LYS B 18 27.93 29.89 13.11
CA LYS B 18 28.55 30.32 11.86
CA LYS B 18 28.55 30.32 11.86
C LYS B 18 28.32 29.29 10.76
N GLU B 19 28.23 28.02 11.13
CA GLU B 19 27.99 26.97 10.14
C GLU B 19 26.54 27.02 9.67
N LEU B 20 25.63 27.35 10.58
CA LEU B 20 24.21 27.39 10.26
C LEU B 20 23.83 28.62 9.44
N GLU B 21 24.79 29.53 9.23
CA GLU B 21 24.56 30.66 8.35
C GLU B 21 24.38 30.19 6.90
N ASP B 22 24.94 29.04 6.57
CA ASP B 22 24.86 28.49 5.22
C ASP B 22 23.60 27.65 4.99
N VAL B 23 22.63 27.73 5.91
CA VAL B 23 21.47 26.85 5.86
C VAL B 23 20.65 27.03 4.57
N ASN B 24 20.78 28.20 3.95
CA ASN B 24 20.07 28.45 2.70
C ASN B 24 20.89 28.09 1.47
N LYS B 25 22.03 27.44 1.68
CA LYS B 25 22.92 27.10 0.59
C LYS B 25 23.18 25.61 0.41
N TRP B 26 23.22 25.19 -0.85
CA TRP B 26 23.65 23.85 -1.22
C TRP B 26 25.07 23.59 -0.70
N GLY B 27 25.26 22.47 -0.02
CA GLY B 27 26.61 22.10 0.41
C GLY B 27 26.93 22.52 1.83
N LEU B 28 25.88 22.78 2.60
CA LEU B 28 25.99 23.00 4.04
C LEU B 28 26.85 21.91 4.67
N HIS B 29 27.80 22.28 5.53
CA HIS B 29 28.64 21.29 6.18
C HIS B 29 27.81 20.55 7.23
N VAL B 30 26.99 19.60 6.79
CA VAL B 30 26.07 18.92 7.69
C VAL B 30 26.79 18.00 8.69
N PHE B 31 27.92 17.44 8.28
CA PHE B 31 28.66 16.57 9.19
C PHE B 31 29.27 17.36 10.34
N ARG B 32 29.79 18.54 10.00
CA ARG B 32 30.26 19.51 10.99
C ARG B 32 29.15 19.89 11.97
N ILE B 33 27.96 20.17 11.44
CA ILE B 33 26.80 20.52 12.26
C ILE B 33 26.44 19.38 13.21
N ALA B 34 26.61 18.14 12.77
CA ALA B 34 26.31 16.98 13.61
C ALA B 34 27.28 16.90 14.79
N GLU B 35 28.57 17.05 14.49
CA GLU B 35 29.61 17.06 15.52
C GLU B 35 29.38 18.16 16.54
N LEU B 36 29.05 19.35 16.05
CA LEU B 36 28.95 20.55 16.89
C LEU B 36 27.69 20.60 17.76
N SER B 37 26.64 19.91 17.34
CA SER B 37 25.37 19.95 18.08
C SER B 37 25.22 18.76 19.02
N GLY B 38 26.27 17.96 19.14
CA GLY B 38 26.22 16.80 20.01
C GLY B 38 25.48 15.66 19.35
N ASN B 39 25.58 15.60 18.03
CA ASN B 39 24.84 14.64 17.21
C ASN B 39 23.34 14.92 17.21
N ARG B 40 23.00 16.19 17.03
CA ARG B 40 21.61 16.59 16.88
C ARG B 40 21.39 17.41 15.60
N PRO B 41 21.96 16.95 14.47
CA PRO B 41 21.79 17.73 13.24
C PRO B 41 20.32 17.89 12.84
N LEU B 42 19.53 16.83 12.96
CA LEU B 42 18.14 16.92 12.55
C LEU B 42 17.40 17.97 13.39
N THR B 43 17.61 17.94 14.71
CA THR B 43 16.93 18.89 15.56
C THR B 43 17.38 20.33 15.29
N VAL B 44 18.69 20.54 15.17
CA VAL B 44 19.22 21.89 14.97
C VAL B 44 18.79 22.46 13.61
N ILE B 45 18.94 21.67 12.56
CA ILE B 45 18.59 22.13 11.22
C ILE B 45 17.06 22.35 11.06
N MET B 46 16.24 21.45 11.58
CA MET B 46 14.78 21.65 11.53
C MET B 46 14.37 22.91 12.29
N HIS B 47 14.89 23.07 13.51
CA HIS B 47 14.61 24.26 14.31
C HIS B 47 14.93 25.54 13.53
N THR B 48 16.13 25.56 12.96
CA THR B 48 16.64 26.70 12.21
C THR B 48 15.76 27.05 11.01
N ILE B 49 15.38 26.02 10.26
CA ILE B 49 14.54 26.19 9.08
C ILE B 49 13.11 26.61 9.43
N PHE B 50 12.59 26.06 10.51
CA PHE B 50 11.26 26.45 10.97
C PHE B 50 11.29 27.92 11.40
N GLN B 51 12.36 28.32 12.07
CA GLN B 51 12.51 29.72 12.49
C GLN B 51 12.68 30.63 11.29
N GLU B 52 13.49 30.20 10.32
CA GLU B 52 13.75 30.99 9.11
C GLU B 52 12.48 31.20 8.28
N ARG B 53 11.67 30.16 8.15
CA ARG B 53 10.46 30.22 7.34
C ARG B 53 9.25 30.71 8.14
N ASP B 54 9.47 31.05 9.41
CA ASP B 54 8.41 31.58 10.27
C ASP B 54 7.30 30.56 10.47
N LEU B 55 7.67 29.28 10.53
CA LEU B 55 6.68 28.22 10.58
C LEU B 55 6.01 28.10 11.95
N LEU B 56 6.75 28.39 13.01
CA LEU B 56 6.19 28.35 14.36
C LEU B 56 5.05 29.34 14.51
N LYS B 57 5.26 30.55 13.99
CA LYS B 57 4.27 31.61 14.10
C LYS B 57 3.06 31.31 13.22
N THR B 58 3.33 30.85 12.00
CA THR B 58 2.27 30.62 11.03
C THR B 58 1.31 29.52 11.46
N PHE B 59 1.84 28.45 12.02
CA PHE B 59 1.00 27.32 12.40
C PHE B 59 0.92 27.17 13.92
N LYS B 60 1.22 28.27 14.62
CA LYS B 60 1.08 28.35 16.08
C LYS B 60 1.70 27.16 16.78
N ILE B 61 2.93 26.84 16.40
CA ILE B 61 3.65 25.72 16.96
C ILE B 61 4.49 26.13 18.15
N PRO B 62 4.13 25.65 19.35
CA PRO B 62 4.92 25.95 20.54
C PRO B 62 6.34 25.44 20.36
N VAL B 63 7.32 26.30 20.58
CA VAL B 63 8.71 25.96 20.27
C VAL B 63 9.21 24.80 21.12
N ASP B 64 8.62 24.65 22.31
CA ASP B 64 8.97 23.56 23.22
C ASP B 64 8.49 22.23 22.66
N THR B 65 7.28 22.26 22.09
CA THR B 65 6.68 21.09 21.47
C THR B 65 7.52 20.65 20.27
N LEU B 66 7.93 21.63 19.47
CA LEU B 66 8.77 21.36 18.30
C LEU B 66 10.04 20.62 18.68
N ILE B 67 10.75 21.11 19.70
CA ILE B 67 12.03 20.52 20.08
C ILE B 67 11.84 19.15 20.66
N THR B 68 10.77 18.98 21.42
CA THR B 68 10.47 17.69 22.02
C THR B 68 10.17 16.67 20.93
N TYR B 69 9.33 17.05 19.98
CA TYR B 69 9.08 16.15 18.87
C TYR B 69 10.39 15.86 18.15
N LEU B 70 11.10 16.90 17.75
CA LEU B 70 12.30 16.71 16.92
C LEU B 70 13.32 15.84 17.64
N MET B 71 13.48 16.02 18.94
CA MET B 71 14.47 15.22 19.66
CA MET B 71 14.45 15.23 19.70
C MET B 71 14.05 13.75 19.73
N THR B 72 12.75 13.50 19.88
CA THR B 72 12.22 12.14 19.86
C THR B 72 12.34 11.52 18.46
N LEU B 73 11.96 12.31 17.45
CA LEU B 73 12.12 11.88 16.06
C LEU B 73 13.58 11.51 15.82
N GLU B 74 14.49 12.42 16.14
CA GLU B 74 15.91 12.16 15.95
C GLU B 74 16.37 10.91 16.68
N ASP B 75 15.83 10.70 17.89
CA ASP B 75 16.12 9.50 18.66
C ASP B 75 15.71 8.22 17.95
N HIS B 76 14.74 8.32 17.04
CA HIS B 76 14.27 7.12 16.39
C HIS B 76 14.96 6.84 15.06
N TYR B 77 15.91 7.68 14.68
CA TYR B 77 16.90 7.28 13.67
C TYR B 77 17.99 6.49 14.37
N HIS B 78 18.43 5.42 13.72
CA HIS B 78 19.31 4.45 14.38
C HIS B 78 20.75 4.90 14.41
N ALA B 79 21.35 4.80 15.59
CA ALA B 79 22.74 5.19 15.79
C ALA B 79 23.69 4.30 15.00
N ASP B 80 23.42 3.00 14.99
CA ASP B 80 24.34 2.01 14.43
C ASP B 80 24.20 1.80 12.92
N VAL B 81 23.46 2.68 12.27
CA VAL B 81 23.22 2.56 10.83
C VAL B 81 23.98 3.66 10.10
N ALA B 82 24.88 3.25 9.22
CA ALA B 82 25.92 4.15 8.73
C ALA B 82 25.42 5.24 7.78
N TYR B 83 24.41 4.94 6.97
CA TYR B 83 23.90 5.96 6.05
C TYR B 83 22.51 6.47 6.45
N HIS B 84 21.56 5.56 6.62
CA HIS B 84 20.17 5.98 6.86
C HIS B 84 19.93 6.32 8.31
N ASN B 85 20.52 7.43 8.74
CA ASN B 85 20.45 7.92 10.10
C ASN B 85 20.03 9.38 10.14
N ASN B 86 20.16 10.00 11.31
CA ASN B 86 19.72 11.37 11.52
C ASN B 86 20.48 12.39 10.67
N ILE B 87 21.70 12.07 10.27
CA ILE B 87 22.48 12.99 9.47
C ILE B 87 21.91 12.99 8.05
N HIS B 88 21.57 11.81 7.53
CA HIS B 88 20.89 11.74 6.23
C HIS B 88 19.58 12.51 6.26
N ALA B 89 18.79 12.28 7.30
CA ALA B 89 17.54 12.98 7.48
C ALA B 89 17.74 14.50 7.48
N ALA B 90 18.72 14.97 8.23
CA ALA B 90 18.95 16.40 8.34
C ALA B 90 19.36 16.95 6.97
N ASP B 91 20.14 16.17 6.24
CA ASP B 91 20.64 16.56 4.92
C ASP B 91 19.51 16.70 3.91
N VAL B 92 18.58 15.75 3.93
CA VAL B 92 17.47 15.76 2.99
C VAL B 92 16.53 16.92 3.33
N VAL B 93 16.25 17.12 4.61
CA VAL B 93 15.53 18.31 5.07
C VAL B 93 16.17 19.59 4.53
N GLN B 94 17.47 19.74 4.73
CA GLN B 94 18.12 21.00 4.34
C GLN B 94 18.17 21.16 2.83
N SER B 95 18.36 20.05 2.12
CA SER B 95 18.38 20.10 0.66
C SER B 95 16.99 20.46 0.13
N THR B 96 15.96 19.84 0.69
CA THR B 96 14.60 20.20 0.30
C THR B 96 14.33 21.67 0.60
N HIS B 97 14.80 22.14 1.75
CA HIS B 97 14.64 23.53 2.12
C HIS B 97 15.25 24.46 1.06
N VAL B 98 16.39 24.07 0.52
CA VAL B 98 17.02 24.88 -0.53
C VAL B 98 16.21 24.82 -1.82
N LEU B 99 15.76 23.63 -2.21
CA LEU B 99 15.03 23.49 -3.47
C LEU B 99 13.70 24.23 -3.44
N LEU B 100 13.10 24.33 -2.25
CA LEU B 100 11.81 24.99 -2.11
C LEU B 100 11.90 26.46 -2.53
N SER B 101 13.08 27.05 -2.36
CA SER B 101 13.25 28.47 -2.60
C SER B 101 13.77 28.79 -3.99
N THR B 102 13.85 27.77 -4.84
CA THR B 102 14.32 27.98 -6.22
C THR B 102 13.44 29.03 -6.90
N PRO B 103 14.06 29.97 -7.62
CA PRO B 103 13.32 31.07 -8.25
C PRO B 103 12.12 30.62 -9.09
N ALA B 104 12.22 29.52 -9.82
CA ALA B 104 11.11 29.08 -10.67
C ALA B 104 9.88 28.64 -9.87
N LEU B 105 10.02 28.52 -8.55
CA LEU B 105 8.94 28.08 -7.68
C LEU B 105 8.53 29.16 -6.67
N GLU B 106 8.88 30.41 -6.96
CA GLU B 106 8.59 31.52 -6.06
C GLU B 106 7.10 31.71 -5.85
N ALA B 107 6.68 31.69 -4.60
CA ALA B 107 5.29 31.95 -4.22
C ALA B 107 4.30 30.92 -4.77
N VAL B 108 4.81 29.79 -5.27
CA VAL B 108 3.95 28.75 -5.83
C VAL B 108 3.26 27.93 -4.74
N PHE B 109 4.02 27.54 -3.72
CA PHE B 109 3.49 26.66 -2.69
C PHE B 109 2.99 27.41 -1.48
N THR B 110 1.86 26.95 -0.94
CA THR B 110 1.31 27.49 0.28
C THR B 110 2.22 27.14 1.45
N ASP B 111 2.01 27.78 2.60
CA ASP B 111 2.86 27.51 3.75
C ASP B 111 2.63 26.09 4.28
N LEU B 112 1.43 25.57 4.06
CA LEU B 112 1.12 24.21 4.48
C LEU B 112 1.90 23.20 3.64
N GLU B 113 1.98 23.47 2.34
CA GLU B 113 2.68 22.59 1.42
C GLU B 113 4.18 22.59 1.69
N ILE B 114 4.72 23.78 1.99
CA ILE B 114 6.10 23.90 2.45
C ILE B 114 6.34 23.11 3.73
N LEU B 115 5.41 23.21 4.68
CA LEU B 115 5.53 22.47 5.94
C LEU B 115 5.51 20.97 5.67
N ALA B 116 4.63 20.54 4.77
CA ALA B 116 4.51 19.13 4.43
C ALA B 116 5.80 18.59 3.83
N ALA B 117 6.36 19.31 2.87
CA ALA B 117 7.59 18.89 2.19
C ALA B 117 8.73 18.75 3.19
N ILE B 118 8.88 19.72 4.08
CA ILE B 118 9.96 19.70 5.06
C ILE B 118 9.74 18.62 6.13
N PHE B 119 8.52 18.50 6.65
CA PHE B 119 8.20 17.45 7.63
C PHE B 119 8.40 16.06 7.03
N ALA B 120 7.92 15.86 5.80
CA ALA B 120 8.13 14.61 5.08
C ALA B 120 9.63 14.28 5.00
N SER B 121 10.43 15.26 4.64
CA SER B 121 11.87 15.04 4.53
C SER B 121 12.42 14.60 5.88
N ALA B 122 11.94 15.22 6.95
CA ALA B 122 12.49 14.95 8.27
C ALA B 122 12.20 13.51 8.71
N ILE B 123 11.02 13.01 8.40
CA ILE B 123 10.65 11.67 8.87
C ILE B 123 10.91 10.56 7.85
N HIS B 124 11.42 10.92 6.67
CA HIS B 124 11.24 10.06 5.49
C HIS B 124 11.98 8.73 5.60
N ASP B 125 12.93 8.63 6.54
CA ASP B 125 13.68 7.38 6.75
C ASP B 125 13.71 6.93 8.22
N VAL B 126 12.77 7.40 9.04
CA VAL B 126 12.90 7.17 10.48
C VAL B 126 12.79 5.68 10.81
N ASP B 127 13.62 5.24 11.75
CA ASP B 127 13.65 3.85 12.20
C ASP B 127 14.05 2.90 11.07
N HIS B 128 14.87 3.40 10.16
CA HIS B 128 15.42 2.57 9.09
C HIS B 128 16.38 1.55 9.69
N PRO B 129 16.19 0.26 9.35
CA PRO B 129 17.02 -0.80 9.94
C PRO B 129 18.38 -1.01 9.25
N GLY B 130 18.63 -0.32 8.14
CA GLY B 130 19.92 -0.41 7.48
C GLY B 130 19.97 -1.51 6.44
N VAL B 131 18.81 -2.04 6.08
CA VAL B 131 18.73 -3.05 5.04
C VAL B 131 17.60 -2.65 4.09
N SER B 132 17.65 -3.16 2.86
CA SER B 132 16.71 -2.73 1.84
C SER B 132 15.34 -3.40 1.96
N ASN B 133 14.37 -2.83 1.25
CA ASN B 133 13.08 -3.47 1.08
C ASN B 133 13.24 -4.92 0.60
N GLN B 134 14.09 -5.12 -0.40
CA GLN B 134 14.17 -6.46 -1.00
C GLN B 134 14.72 -7.44 0.04
N PHE B 135 15.68 -6.99 0.82
CA PHE B 135 16.19 -7.83 1.90
C PHE B 135 15.07 -8.19 2.86
N LEU B 136 14.28 -7.20 3.27
CA LEU B 136 13.19 -7.45 4.21
C LEU B 136 12.15 -8.41 3.61
N ILE B 137 11.91 -8.29 2.31
CA ILE B 137 10.98 -9.18 1.65
C ILE B 137 11.55 -10.59 1.59
N ASN B 138 12.81 -10.70 1.17
CA ASN B 138 13.43 -12.00 0.93
C ASN B 138 13.68 -12.80 2.21
N THR B 139 13.81 -12.11 3.34
CA THR B 139 14.03 -12.78 4.62
C THR B 139 12.75 -12.97 5.44
N ASN B 140 11.61 -12.71 4.81
CA ASN B 140 10.30 -12.89 5.47
C ASN B 140 10.19 -12.12 6.77
N SER B 141 10.63 -10.87 6.74
CA SER B 141 10.63 -10.02 7.92
C SER B 141 9.21 -9.68 8.37
N GLU B 142 9.09 -9.33 9.65
CA GLU B 142 7.82 -8.90 10.20
C GLU B 142 7.35 -7.62 9.53
N LEU B 143 8.29 -6.75 9.15
CA LEU B 143 7.90 -5.53 8.45
C LEU B 143 7.26 -5.84 7.08
N ALA B 144 7.85 -6.79 6.36
CA ALA B 144 7.35 -7.18 5.04
C ALA B 144 6.01 -7.91 5.15
N LEU B 145 5.84 -8.67 6.22
CA LEU B 145 4.56 -9.35 6.48
C LEU B 145 3.48 -8.31 6.76
N MET B 146 3.85 -7.29 7.52
CA MET B 146 2.92 -6.22 7.86
CA MET B 146 2.94 -6.21 7.87
C MET B 146 2.46 -5.44 6.63
N TYR B 147 3.40 -5.12 5.76
CA TYR B 147 3.10 -4.22 4.65
C TYR B 147 2.92 -4.90 3.30
N ASN B 148 2.74 -6.22 3.31
CA ASN B 148 2.46 -6.97 2.09
C ASN B 148 3.46 -6.67 0.98
N ASP B 149 4.74 -6.60 1.37
CA ASP B 149 5.86 -6.44 0.44
C ASP B 149 5.83 -5.15 -0.36
N SER B 150 4.97 -4.19 0.00
CA SER B 150 4.78 -3.00 -0.82
CA SER B 150 4.76 -3.00 -0.82
C SER B 150 5.29 -1.75 -0.12
N SER B 151 6.31 -1.10 -0.71
CA SER B 151 6.95 0.04 -0.08
C SER B 151 7.12 -0.19 1.43
N VAL B 152 7.75 -1.31 1.78
CA VAL B 152 7.73 -1.77 3.17
C VAL B 152 8.31 -0.70 4.10
N LEU B 153 9.54 -0.29 3.82
CA LEU B 153 10.19 0.71 4.67
C LEU B 153 9.48 2.06 4.68
N GLU B 154 9.03 2.49 3.50
CA GLU B 154 8.48 3.83 3.38
C GLU B 154 7.14 3.93 4.13
N ASN B 155 6.30 2.91 4.03
CA ASN B 155 5.10 2.85 4.86
C ASN B 155 5.47 2.91 6.36
N HIS B 156 6.51 2.18 6.73
CA HIS B 156 6.96 2.14 8.12
C HIS B 156 7.46 3.50 8.62
N HIS B 157 8.25 4.18 7.79
CA HIS B 157 8.75 5.52 8.12
C HIS B 157 7.59 6.46 8.42
N LEU B 158 6.59 6.43 7.56
CA LEU B 158 5.41 7.25 7.74
C LEU B 158 4.68 6.93 9.03
N ALA B 159 4.43 5.64 9.25
CA ALA B 159 3.70 5.21 10.45
C ALA B 159 4.42 5.68 11.72
N VAL B 160 5.73 5.49 11.76
CA VAL B 160 6.49 5.87 12.95
C VAL B 160 6.52 7.39 13.07
N GLY B 161 6.78 8.08 11.97
CA GLY B 161 6.86 9.53 11.98
C GLY B 161 5.60 10.19 12.54
N PHE B 162 4.45 9.71 12.10
CA PHE B 162 3.19 10.19 12.64
C PHE B 162 2.91 9.66 14.06
N LYS B 163 3.27 8.42 14.35
CA LYS B 163 3.01 7.85 15.68
C LYS B 163 3.69 8.67 16.76
N LEU B 164 4.84 9.26 16.44
CA LEU B 164 5.61 10.00 17.43
C LEU B 164 4.92 11.30 17.84
N LEU B 165 4.05 11.81 16.97
CA LEU B 165 3.26 13.00 17.26
C LEU B 165 2.39 12.80 18.49
N GLN B 166 2.21 11.53 18.87
CA GLN B 166 1.34 11.16 19.98
C GLN B 166 2.07 11.23 21.32
N GLU B 167 3.40 11.25 21.27
CA GLU B 167 4.18 11.33 22.50
C GLU B 167 3.83 12.62 23.24
N GLU B 168 4.13 12.65 24.54
CA GLU B 168 3.76 13.79 25.38
C GLU B 168 4.39 15.08 24.88
N ASN B 169 3.53 16.07 24.61
CA ASN B 169 3.98 17.38 24.16
C ASN B 169 4.76 17.26 22.85
N CYS B 170 4.26 16.41 21.95
CA CYS B 170 4.91 16.20 20.67
C CYS B 170 4.00 16.53 19.49
N ASP B 171 2.77 16.94 19.73
CA ASP B 171 1.88 17.20 18.59
C ASP B 171 2.07 18.61 18.03
N ILE B 172 3.06 18.73 17.15
CA ILE B 172 3.38 20.02 16.53
C ILE B 172 2.27 20.52 15.61
N PHE B 173 1.32 19.66 15.27
CA PHE B 173 0.24 20.06 14.38
C PHE B 173 -1.05 20.35 15.15
N GLN B 174 -0.91 20.51 16.46
CA GLN B 174 -2.06 20.61 17.35
C GLN B 174 -2.96 21.79 17.03
N ASN B 175 -2.37 22.88 16.52
CA ASN B 175 -3.15 24.08 16.20
C ASN B 175 -3.46 24.26 14.72
N LEU B 176 -3.23 23.21 13.92
CA LEU B 176 -3.78 23.18 12.58
C LEU B 176 -5.27 22.92 12.66
N THR B 177 -6.00 23.47 11.70
CA THR B 177 -7.42 23.16 11.60
C THR B 177 -7.53 21.69 11.22
N LYS B 178 -8.72 21.12 11.37
CA LYS B 178 -8.94 19.73 11.04
C LYS B 178 -8.57 19.52 9.58
N LYS B 179 -9.04 20.43 8.73
CA LYS B 179 -8.81 20.36 7.30
C LYS B 179 -7.34 20.49 6.92
N GLN B 180 -6.62 21.36 7.62
CA GLN B 180 -5.19 21.54 7.35
C GLN B 180 -4.42 20.27 7.69
N ARG B 181 -4.72 19.72 8.85
CA ARG B 181 -4.15 18.47 9.31
C ARG B 181 -4.42 17.35 8.31
N GLN B 182 -5.66 17.26 7.82
CA GLN B 182 -6.01 16.26 6.82
C GLN B 182 -5.21 16.43 5.53
N SER B 183 -5.08 17.67 5.06
CA SER B 183 -4.33 17.95 3.85
C SER B 183 -2.84 17.67 4.05
N LEU B 184 -2.30 18.13 5.17
CA LEU B 184 -0.91 17.88 5.47
C LEU B 184 -0.61 16.40 5.45
N ARG B 185 -1.50 15.62 6.07
CA ARG B 185 -1.26 14.20 6.22
C ARG B 185 -1.25 13.51 4.87
N LYS B 186 -2.20 13.85 3.98
CA LYS B 186 -2.23 13.27 2.64
C LYS B 186 -0.98 13.63 1.85
N MET B 187 -0.57 14.88 1.93
CA MET B 187 0.60 15.32 1.18
C MET B 187 1.87 14.61 1.64
N VAL B 188 2.04 14.47 2.95
CA VAL B 188 3.24 13.85 3.52
C VAL B 188 3.34 12.37 3.16
N ILE B 189 2.20 11.68 3.23
CA ILE B 189 2.13 10.29 2.79
C ILE B 189 2.54 10.17 1.31
N ASP B 190 1.95 11.02 0.48
CA ASP B 190 2.24 10.99 -0.96
C ASP B 190 3.74 11.20 -1.22
N ILE B 191 4.34 12.07 -0.42
CA ILE B 191 5.74 12.44 -0.61
C ILE B 191 6.68 11.33 -0.14
N VAL B 192 6.46 10.80 1.05
CA VAL B 192 7.38 9.79 1.54
C VAL B 192 7.24 8.49 0.73
N LEU B 193 6.05 8.17 0.26
CA LEU B 193 5.92 6.94 -0.53
C LEU B 193 6.68 7.06 -1.84
N ALA B 194 6.78 8.28 -2.36
CA ALA B 194 7.50 8.52 -3.60
C ALA B 194 9.03 8.36 -3.44
N THR B 195 9.51 8.20 -2.21
CA THR B 195 10.95 8.00 -2.01
C THR B 195 11.36 6.53 -2.20
N ASP B 196 10.37 5.65 -2.37
CA ASP B 196 10.63 4.25 -2.70
C ASP B 196 11.29 4.17 -4.07
N MET B 197 12.51 3.62 -4.14
CA MET B 197 13.27 3.63 -5.38
C MET B 197 12.63 2.77 -6.45
N SER B 198 11.76 1.83 -6.04
CA SER B 198 11.09 0.98 -7.00
C SER B 198 10.12 1.82 -7.82
N LYS B 199 9.81 3.01 -7.34
CA LYS B 199 8.93 3.90 -8.08
C LYS B 199 9.68 4.93 -8.91
N HIS B 200 11.00 4.88 -8.85
CA HIS B 200 11.82 5.92 -9.48
C HIS B 200 11.51 6.09 -10.97
N MET B 201 11.50 4.99 -11.71
CA MET B 201 11.36 5.12 -13.18
C MET B 201 10.00 5.69 -13.58
N ASN B 202 8.96 5.31 -12.85
CA ASN B 202 7.63 5.84 -13.12
C ASN B 202 7.52 7.31 -12.76
N LEU B 203 8.07 7.71 -11.61
CA LEU B 203 8.18 9.13 -11.28
C LEU B 203 8.91 9.89 -12.37
N LEU B 204 10.04 9.35 -12.79
CA LEU B 204 10.87 10.10 -13.73
C LEU B 204 10.16 10.21 -15.07
N ALA B 205 9.53 9.12 -15.51
CA ALA B 205 8.83 9.14 -16.80
C ALA B 205 7.75 10.20 -16.82
N ASP B 206 6.99 10.30 -15.72
CA ASP B 206 5.93 11.29 -15.59
C ASP B 206 6.47 12.70 -15.44
N LEU B 207 7.59 12.85 -14.73
CA LEU B 207 8.18 14.19 -14.57
C LEU B 207 8.62 14.73 -15.94
N LYS B 208 9.21 13.87 -16.75
CA LYS B 208 9.64 14.26 -18.08
C LYS B 208 8.45 14.77 -18.90
N THR B 209 7.32 14.10 -18.76
CA THR B 209 6.10 14.50 -19.47
C THR B 209 5.53 15.81 -18.90
N MET B 210 5.66 15.98 -17.59
CA MET B 210 5.26 17.25 -16.99
C MET B 210 6.10 18.40 -17.50
N VAL B 211 7.42 18.20 -17.54
CA VAL B 211 8.34 19.22 -18.03
C VAL B 211 7.99 19.62 -19.46
N GLU B 212 7.67 18.63 -20.30
CA GLU B 212 7.37 18.86 -21.71
C GLU B 212 6.25 19.87 -21.90
N THR B 213 5.28 19.85 -21.00
CA THR B 213 4.08 20.68 -21.14
C THR B 213 3.97 21.76 -20.07
N LYS B 214 5.09 22.10 -19.45
CA LYS B 214 5.07 23.03 -18.31
C LYS B 214 4.67 24.44 -18.71
N LYS B 215 4.01 25.13 -17.78
CA LYS B 215 3.48 26.47 -17.99
C LYS B 215 4.09 27.44 -16.98
N VAL B 216 4.52 28.61 -17.45
CA VAL B 216 5.16 29.60 -16.57
C VAL B 216 4.49 30.98 -16.64
N THR B 217 4.50 31.72 -15.53
CA THR B 217 4.00 33.09 -15.49
C THR B 217 4.89 34.02 -16.30
N SER B 218 4.59 35.33 -16.25
CA SER B 218 5.40 36.33 -16.94
C SER B 218 6.79 36.42 -16.31
N SER B 219 6.82 36.51 -14.98
CA SER B 219 8.07 36.57 -14.24
C SER B 219 8.83 35.24 -14.35
N GLY B 220 8.17 34.23 -14.89
CA GLY B 220 8.83 32.97 -15.20
C GLY B 220 8.64 31.86 -14.19
N VAL B 221 7.76 32.07 -13.21
CA VAL B 221 7.51 31.04 -12.21
C VAL B 221 6.57 29.98 -12.76
N LEU B 222 6.72 28.75 -12.29
CA LEU B 222 5.88 27.64 -12.73
C LEU B 222 4.43 27.79 -12.27
N LEU B 223 3.52 27.41 -13.16
CA LEU B 223 2.10 27.40 -12.84
C LEU B 223 1.67 25.96 -12.59
N LEU B 224 1.33 25.65 -11.35
CA LEU B 224 0.82 24.35 -10.97
C LEU B 224 -0.58 24.52 -10.38
N ASP B 225 -1.61 24.28 -11.20
CA ASP B 225 -2.97 24.73 -10.90
C ASP B 225 -3.90 23.65 -10.34
N ASN B 226 -3.36 22.48 -10.01
CA ASN B 226 -4.13 21.45 -9.32
C ASN B 226 -3.26 20.63 -8.38
N TYR B 227 -3.91 19.92 -7.46
CA TYR B 227 -3.17 19.16 -6.45
C TYR B 227 -2.23 18.14 -7.09
N SER B 228 -2.66 17.54 -8.19
CA SER B 228 -1.89 16.49 -8.87
CA SER B 228 -1.89 16.49 -8.85
C SER B 228 -0.54 17.02 -9.35
N ASP B 229 -0.58 18.17 -10.02
CA ASP B 229 0.64 18.78 -10.54
C ASP B 229 1.53 19.29 -9.41
N ARG B 230 0.91 19.82 -8.36
CA ARG B 230 1.67 20.35 -7.23
C ARG B 230 2.35 19.24 -6.44
N ILE B 231 1.62 18.18 -6.12
CA ILE B 231 2.19 17.11 -5.30
C ILE B 231 3.25 16.38 -6.11
N GLN B 232 3.07 16.33 -7.41
CA GLN B 232 4.06 15.73 -8.30
C GLN B 232 5.40 16.44 -8.20
N VAL B 233 5.36 17.78 -8.20
CA VAL B 233 6.57 18.55 -8.07
C VAL B 233 7.23 18.35 -6.69
N LEU B 234 6.41 18.37 -5.62
CA LEU B 234 6.93 18.13 -4.28
C LEU B 234 7.50 16.71 -4.12
N GLN B 235 6.84 15.73 -4.73
CA GLN B 235 7.34 14.37 -4.70
C GLN B 235 8.73 14.26 -5.31
N ASN B 236 8.89 14.85 -6.49
CA ASN B 236 10.15 14.75 -7.20
C ASN B 236 11.24 15.59 -6.54
N MET B 237 10.82 16.66 -5.88
CA MET B 237 11.75 17.55 -5.20
C MET B 237 12.41 16.82 -4.02
N VAL B 238 11.59 16.11 -3.25
CA VAL B 238 12.13 15.41 -2.08
C VAL B 238 12.94 14.19 -2.53
N HIS B 239 12.49 13.55 -3.61
CA HIS B 239 13.24 12.46 -4.24
C HIS B 239 14.61 12.95 -4.73
N CYS B 240 14.67 14.13 -5.34
CA CYS B 240 15.97 14.73 -5.73
C CYS B 240 16.85 14.99 -4.52
N ALA B 241 16.25 15.56 -3.48
CA ALA B 241 16.96 15.83 -2.24
C ALA B 241 17.50 14.53 -1.65
N ASP B 242 16.68 13.48 -1.66
CA ASP B 242 17.09 12.18 -1.19
C ASP B 242 18.27 11.63 -2.02
N LEU B 243 18.26 11.94 -3.32
CA LEU B 243 19.31 11.49 -4.22
C LEU B 243 20.29 12.62 -4.55
N SER B 244 20.60 13.47 -3.58
CA SER B 244 21.39 14.65 -3.86
C SER B 244 22.89 14.53 -3.51
N ASN B 245 23.32 13.40 -2.96
CA ASN B 245 24.70 13.29 -2.49
C ASN B 245 25.70 13.55 -3.61
N PRO B 246 25.49 12.94 -4.80
CA PRO B 246 26.51 13.13 -5.84
C PRO B 246 26.55 14.56 -6.40
N THR B 247 25.59 15.40 -6.04
CA THR B 247 25.57 16.77 -6.52
C THR B 247 26.25 17.71 -5.55
N LYS B 248 26.78 17.17 -4.46
CA LYS B 248 27.38 18.00 -3.43
C LYS B 248 28.88 18.10 -3.68
N PRO B 249 29.52 19.09 -3.04
CA PRO B 249 30.98 19.16 -3.06
C PRO B 249 31.62 17.82 -2.72
N LEU B 250 32.73 17.54 -3.40
CA LEU B 250 33.41 16.25 -3.29
C LEU B 250 33.68 15.77 -1.85
N GLN B 251 34.13 16.68 -0.99
CA GLN B 251 34.43 16.32 0.40
C GLN B 251 33.20 15.74 1.12
N LEU B 252 32.02 16.27 0.82
CA LEU B 252 30.77 15.76 1.41
C LEU B 252 30.34 14.46 0.72
N TYR B 253 30.39 14.45 -0.60
CA TYR B 253 29.99 13.29 -1.39
C TYR B 253 30.82 12.05 -1.02
N ARG B 254 32.13 12.24 -0.85
CA ARG B 254 32.98 11.14 -0.43
C ARG B 254 32.49 10.52 0.88
N GLN B 255 32.09 11.37 1.83
CA GLN B 255 31.65 10.89 3.12
C GLN B 255 30.35 10.08 3.01
N TRP B 256 29.45 10.52 2.14
CA TRP B 256 28.20 9.79 1.92
C TRP B 256 28.46 8.44 1.24
N THR B 257 29.43 8.39 0.34
CA THR B 257 29.74 7.15 -0.35
C THR B 257 30.32 6.12 0.61
N ASP B 258 31.23 6.56 1.47
CA ASP B 258 31.76 5.73 2.55
C ASP B 258 30.64 5.08 3.36
N ARG B 259 29.66 5.89 3.75
CA ARG B 259 28.61 5.42 4.65
C ARG B 259 27.63 4.46 3.98
N ILE B 260 27.24 4.76 2.74
CA ILE B 260 26.30 3.88 2.07
C ILE B 260 26.97 2.54 1.80
N MET B 261 28.27 2.55 1.54
CA MET B 261 28.97 1.29 1.28
C MET B 261 29.14 0.47 2.54
N GLU B 262 29.41 1.14 3.66
CA GLU B 262 29.47 0.46 4.96
C GLU B 262 28.15 -0.22 5.27
N GLU B 263 27.07 0.51 5.04
CA GLU B 263 25.73 0.00 5.28
C GLU B 263 25.40 -1.20 4.38
N PHE B 264 25.59 -1.03 3.08
CA PHE B 264 25.39 -2.11 2.10
C PHE B 264 26.20 -3.35 2.43
N PHE B 265 27.47 -3.16 2.76
CA PHE B 265 28.35 -4.29 2.99
C PHE B 265 27.90 -5.08 4.23
N ARG B 266 27.36 -4.39 5.23
CA ARG B 266 26.81 -5.06 6.39
C ARG B 266 25.58 -5.90 6.02
N GLN B 267 24.78 -5.42 5.08
CA GLN B 267 23.66 -6.22 4.58
C GLN B 267 24.17 -7.46 3.85
N GLY B 268 25.16 -7.25 2.98
CA GLY B 268 25.79 -8.33 2.24
C GLY B 268 26.32 -9.40 3.19
N ASP B 269 26.94 -8.96 4.28
CA ASP B 269 27.45 -9.83 5.33
C ASP B 269 26.36 -10.72 5.94
N ARG B 270 25.18 -10.14 6.18
CA ARG B 270 24.08 -10.91 6.72
C ARG B 270 23.50 -11.87 5.67
N GLU B 271 23.49 -11.42 4.43
CA GLU B 271 23.06 -12.26 3.33
C GLU B 271 23.98 -13.47 3.17
N ARG B 272 25.29 -13.25 3.26
CA ARG B 272 26.25 -14.34 3.12
C ARG B 272 26.15 -15.34 4.27
N GLU B 273 26.02 -14.84 5.50
CA GLU B 273 25.89 -15.70 6.66
C GLU B 273 24.64 -16.56 6.53
N ARG B 274 23.55 -15.94 6.12
CA ARG B 274 22.26 -16.62 5.94
C ARG B 274 22.31 -17.63 4.79
N GLY B 275 23.39 -17.62 4.03
CA GLY B 275 23.52 -18.52 2.89
C GLY B 275 22.78 -17.99 1.68
N MET B 276 22.36 -16.73 1.75
CA MET B 276 21.66 -16.10 0.65
C MET B 276 22.62 -15.60 -0.43
N GLU B 277 22.12 -15.44 -1.65
CA GLU B 277 22.85 -14.76 -2.71
C GLU B 277 22.97 -13.27 -2.36
N ILE B 278 24.21 -12.76 -2.38
CA ILE B 278 24.48 -11.40 -1.93
C ILE B 278 24.06 -10.36 -2.97
N SER B 279 23.29 -9.35 -2.53
CA SER B 279 22.77 -8.32 -3.43
C SER B 279 23.88 -7.51 -4.11
N PRO B 280 23.57 -6.91 -5.27
CA PRO B 280 24.47 -6.01 -5.97
C PRO B 280 25.02 -4.90 -5.07
N MET B 281 26.33 -4.70 -5.15
CA MET B 281 27.01 -3.63 -4.41
C MET B 281 27.08 -3.89 -2.90
N CYS B 282 26.70 -5.10 -2.49
CA CYS B 282 26.69 -5.44 -1.08
C CYS B 282 27.80 -6.43 -0.69
N ASP B 283 28.58 -6.85 -1.68
CA ASP B 283 29.68 -7.78 -1.44
C ASP B 283 31.00 -7.02 -1.22
N LYS B 284 31.44 -6.94 0.03
CA LYS B 284 32.66 -6.18 0.35
C LYS B 284 33.90 -6.71 -0.38
N HIS B 285 33.88 -7.98 -0.74
CA HIS B 285 35.04 -8.59 -1.37
C HIS B 285 35.14 -8.23 -2.84
N ASN B 286 34.00 -8.22 -3.52
CA ASN B 286 33.98 -7.91 -4.94
C ASN B 286 33.08 -6.71 -5.24
N ALA B 287 33.56 -5.53 -4.88
CA ALA B 287 32.81 -4.31 -5.14
C ALA B 287 33.76 -3.20 -5.58
N SER B 288 33.33 -2.37 -6.52
CA SER B 288 34.14 -1.21 -6.93
C SER B 288 33.39 0.10 -6.69
N VAL B 289 33.92 0.90 -5.78
CA VAL B 289 33.36 2.20 -5.45
C VAL B 289 33.20 3.09 -6.67
N GLU B 290 34.30 3.35 -7.38
CA GLU B 290 34.26 4.22 -8.55
C GLU B 290 33.25 3.70 -9.54
N LYS B 291 33.30 2.42 -9.85
CA LYS B 291 32.44 1.87 -10.88
C LYS B 291 31.00 1.98 -10.42
N SER B 292 30.77 1.72 -9.14
CA SER B 292 29.40 1.76 -8.61
C SER B 292 28.82 3.18 -8.57
N GLN B 293 29.63 4.17 -8.17
CA GLN B 293 29.13 5.54 -8.17
C GLN B 293 28.91 6.06 -9.59
N VAL B 294 29.76 5.68 -10.54
CA VAL B 294 29.59 6.20 -11.88
C VAL B 294 28.30 5.65 -12.50
N GLY B 295 28.02 4.37 -12.24
CA GLY B 295 26.78 3.77 -12.72
C GLY B 295 25.57 4.39 -12.05
N PHE B 296 25.68 4.65 -10.76
CA PHE B 296 24.62 5.27 -9.97
C PHE B 296 24.33 6.65 -10.54
N ILE B 297 25.38 7.42 -10.83
CA ILE B 297 25.14 8.71 -11.44
C ILE B 297 24.53 8.58 -12.83
N ASP B 298 25.15 7.77 -13.68
CA ASP B 298 24.73 7.63 -15.08
C ASP B 298 23.30 7.15 -15.24
N TYR B 299 22.90 6.21 -14.42
CA TYR B 299 21.64 5.50 -14.62
C TYR B 299 20.52 5.94 -13.69
N ILE B 300 20.84 6.65 -12.61
CA ILE B 300 19.78 7.13 -11.72
C ILE B 300 19.84 8.63 -11.44
N VAL B 301 20.97 9.10 -10.93
CA VAL B 301 21.02 10.45 -10.39
C VAL B 301 21.04 11.51 -11.49
N HIS B 302 21.86 11.30 -12.52
CA HIS B 302 21.93 12.33 -13.56
C HIS B 302 20.62 12.42 -14.38
N PRO B 303 20.05 11.27 -14.78
CA PRO B 303 18.76 11.33 -15.48
C PRO B 303 17.70 12.12 -14.69
N LEU B 304 17.67 11.92 -13.38
CA LEU B 304 16.71 12.64 -12.55
C LEU B 304 17.04 14.14 -12.46
N TRP B 305 18.28 14.45 -12.08
CA TRP B 305 18.65 15.85 -11.89
C TRP B 305 18.64 16.66 -13.21
N GLU B 306 18.96 16.04 -14.34
CA GLU B 306 18.90 16.82 -15.56
C GLU B 306 17.43 17.10 -15.89
N THR B 307 16.51 16.27 -15.39
CA THR B 307 15.09 16.51 -15.60
C THR B 307 14.60 17.61 -14.66
N TRP B 308 15.04 17.56 -13.40
CA TRP B 308 14.73 18.66 -12.49
C TRP B 308 15.28 19.98 -13.03
N ALA B 309 16.52 19.96 -13.49
CA ALA B 309 17.15 21.17 -14.00
C ALA B 309 16.37 21.73 -15.18
N ASP B 310 15.84 20.85 -16.01
CA ASP B 310 14.98 21.24 -17.14
C ASP B 310 13.74 21.97 -16.61
N LEU B 311 13.14 21.40 -15.58
CA LEU B 311 11.93 21.95 -14.99
C LEU B 311 12.14 23.37 -14.48
N VAL B 312 13.28 23.61 -13.83
CA VAL B 312 13.48 24.89 -13.18
C VAL B 312 14.58 25.70 -13.85
N HIS B 313 14.92 25.37 -15.10
CA HIS B 313 16.06 26.02 -15.80
C HIS B 313 15.99 27.54 -15.74
N PRO B 314 17.10 28.21 -15.42
CA PRO B 314 18.46 27.69 -15.17
C PRO B 314 18.78 27.56 -13.68
N ASP B 315 17.77 27.52 -12.83
CA ASP B 315 17.93 27.53 -11.36
C ASP B 315 18.93 26.52 -10.83
N ALA B 316 18.94 25.31 -11.40
CA ALA B 316 19.74 24.23 -10.85
C ALA B 316 21.03 23.96 -11.64
N GLN B 317 21.45 24.86 -12.51
CA GLN B 317 22.61 24.57 -13.37
C GLN B 317 23.90 24.38 -12.55
N ASP B 318 24.03 25.08 -11.43
CA ASP B 318 25.21 24.91 -10.58
C ASP B 318 25.23 23.52 -9.96
N ILE B 319 24.07 23.04 -9.55
CA ILE B 319 23.92 21.68 -9.02
C ILE B 319 24.28 20.65 -10.09
N LEU B 320 23.74 20.84 -11.28
CA LEU B 320 23.95 19.91 -12.38
C LEU B 320 25.42 19.91 -12.77
N ASP B 321 26.03 21.10 -12.76
CA ASP B 321 27.46 21.24 -13.06
C ASP B 321 28.33 20.43 -12.09
N THR B 322 28.00 20.51 -10.81
CA THR B 322 28.77 19.79 -9.78
C THR B 322 28.64 18.29 -9.98
N LEU B 323 27.42 17.84 -10.23
CA LEU B 323 27.16 16.43 -10.46
C LEU B 323 27.99 15.95 -11.64
N GLU B 324 27.98 16.70 -12.72
CA GLU B 324 28.69 16.26 -13.92
C GLU B 324 30.20 16.28 -13.69
N ASP B 325 30.68 17.23 -12.89
CA ASP B 325 32.09 17.24 -12.50
C ASP B 325 32.45 16.04 -11.64
N ASN B 326 31.59 15.71 -10.67
CA ASN B 326 31.86 14.57 -9.81
C ASN B 326 31.86 13.28 -10.59
N ARG B 327 30.99 13.20 -11.60
CA ARG B 327 30.94 12.02 -12.46
C ARG B 327 32.26 11.88 -13.23
N GLU B 328 32.68 12.96 -13.86
CA GLU B 328 33.94 12.99 -14.58
C GLU B 328 35.10 12.62 -13.66
N TRP B 329 35.06 13.12 -12.44
CA TRP B 329 36.11 12.86 -11.47
C TRP B 329 36.21 11.37 -11.15
N TYR B 330 35.07 10.74 -10.86
CA TYR B 330 35.14 9.34 -10.42
C TYR B 330 35.45 8.38 -11.55
N GLN B 331 35.11 8.74 -12.77
CA GLN B 331 35.35 7.86 -13.90
C GLN B 331 36.80 7.96 -14.34
N SER B 332 37.53 8.93 -13.80
CA SER B 332 38.86 9.23 -14.30
C SER B 332 39.93 8.23 -13.85
N THR B 333 39.69 7.51 -12.74
CA THR B 333 40.63 6.47 -12.31
C THR B 333 40.20 5.07 -12.77
N ILE B 334 39.12 4.98 -13.54
CA ILE B 334 38.72 3.72 -14.15
C ILE B 334 39.34 3.60 -15.55
N PRO B 335 40.21 2.58 -15.78
CA PRO B 335 40.79 2.39 -17.12
C PRO B 335 39.71 2.27 -18.18
N GLN B 336 39.88 2.99 -19.28
CA GLN B 336 38.91 2.97 -20.36
C GLN B 336 39.59 3.01 -21.71
N ALA B 337 38.94 2.43 -22.72
CA ALA B 337 39.45 2.50 -24.08
C ALA B 337 39.24 3.90 -24.62
MG MG C . -13.40 -6.48 2.41
ZN ZN D . -15.75 -9.21 1.54
MG MG E . -30.03 -30.58 -3.43
C10 CV8 F . -26.10 -1.05 -0.58
C13 CV8 F . -24.93 -1.27 1.27
C15 CV8 F . -26.53 -6.99 0.34
C17 CV8 F . -22.33 -6.04 0.24
C20 CV8 F . -20.05 1.90 5.84
C21 CV8 F . -20.40 3.93 1.57
C01 CV8 F . -19.56 2.93 2.36
C02 CV8 F . -19.35 1.60 1.62
N01 CV8 F . -19.01 0.49 2.51
C03 CV8 F . -18.88 -0.79 2.02
C04 CV8 F . -19.09 -1.11 0.54
O01 CV8 F . -19.07 -2.51 0.03
N02 CV8 F . -20.31 -3.13 0.07
C05 CV8 F . -20.53 -4.30 0.43
C06 CV8 F . -21.98 -4.77 0.37
C07 CV8 F . -22.95 -3.85 0.44
C08 CV8 F . -24.28 -4.16 0.40
O02 CV8 F . -25.34 -3.20 0.46
C09 CV8 F . -25.00 -1.87 0.20
C11 CV8 F . -26.84 -0.56 0.33
C12 CV8 F . -26.38 -1.05 1.69
C14 CV8 F . -24.65 -5.50 0.27
O03 CV8 F . -25.99 -5.81 0.21
C16 CV8 F . -23.66 -6.42 0.20
O04 CV8 F . -18.61 -1.83 2.63
C18 CV8 F . -18.80 0.72 3.96
C19 CV8 F . -19.33 2.06 4.51
O05 CV8 F . -20.25 2.68 3.60
H09 CV8 F . -25.67 -0.33 -1.09
H10 CV8 F . -26.64 -1.62 -1.18
H16 CV8 F . -24.44 -1.78 1.92
H15 CV8 F . -24.48 -0.41 1.12
H17 CV8 F . -27.32 -7.01 -0.19
H18 CV8 F . -26.74 -7.14 1.25
H19 CV8 F . -25.93 -7.67 0.03
H21 CV8 F . -21.64 -6.70 0.20
H25 CV8 F . -20.98 2.49 5.87
H26 CV8 F . -19.41 2.21 6.67
H24 CV8 F . -20.30 0.85 6.02
H28 CV8 F . -19.77 4.55 0.93
H29 CV8 F . -20.96 4.57 2.26
H30 CV8 F . -21.14 3.40 0.95
H27 CV8 F . -18.59 3.39 2.59
H02 CV8 F . -18.58 1.72 0.85
H03 CV8 F . -20.28 1.30 1.10
H04 CV8 F . -20.12 -0.78 0.58
H05 CV8 F . -18.55 -0.52 -0.22
H06 CV8 F . -19.78 -5.01 0.78
H07 CV8 F . -22.70 -2.92 0.53
H08 CV8 F . -24.19 -1.77 -0.24
H11 CV8 F . -26.78 0.40 0.34
H12 CV8 F . -27.74 -0.84 0.18
H13 CV8 F . -26.80 -1.87 1.92
H14 CV8 F . -26.47 -0.39 2.37
H20 CV8 F . -23.89 -7.37 0.11
H23 CV8 F . -19.31 -0.11 4.45
H22 CV8 F . -17.74 0.63 4.20
H01 CV8 F . -18.49 2.76 4.65
C1 GOL G . -3.17 -8.44 13.46
O1 GOL G . -3.52 -8.18 14.79
C2 GOL G . -1.73 -8.88 13.32
O2 GOL G . -1.68 -10.29 13.15
C3 GOL G . -1.02 -8.15 12.15
O3 GOL G . -1.13 -6.74 12.24
H11 GOL G . -3.83 -9.22 13.06
H12 GOL G . -3.34 -7.54 12.87
HO1 GOL G . -4.44 -7.84 14.84
H2 GOL G . -1.21 -8.61 14.23
HO2 GOL G . -2.12 -10.53 12.31
H31 GOL G . 0.02 -8.44 12.14
H32 GOL G . -1.47 -8.49 11.21
HO3 GOL G . -1.46 -6.50 13.13
MG MG H . 14.26 5.86 2.24
ZN ZN I . 16.51 8.66 2.31
C10 CV8 J . 26.24 3.12 -5.48
C13 CV8 J . 24.89 2.66 -3.84
C15 CV8 J . 26.63 7.90 -1.89
C17 CV8 J . 22.43 6.91 -1.83
C20 CV8 J . 19.81 -1.31 -6.25
C21 CV8 J . 19.48 -3.28 -3.06
C01 CV8 J . 20.34 -2.05 -2.79
C02 CV8 J . 19.58 -0.97 -1.98
N01 CV8 J . 19.12 0.12 -2.83
C03 CV8 J . 19.10 1.40 -2.35
C04 CV8 J . 18.64 2.54 -3.27
O01 CV8 J . 18.89 3.99 -3.02
N02 CV8 J . 20.21 4.39 -3.11
C05 CV8 J . 20.61 5.34 -2.41
C06 CV8 J . 22.06 5.81 -2.46
C07 CV8 J . 22.97 5.11 -3.13
C08 CV8 J . 24.30 5.50 -3.21
O02 CV8 J . 25.34 4.82 -3.89
C09 CV8 J . 25.03 3.65 -4.59
C11 CV8 J . 26.86 2.31 -4.73
C12 CV8 J . 26.28 2.33 -3.33
C14 CV8 J . 24.66 6.66 -2.54
O03 CV8 J . 26.00 7.03 -2.63
C16 CV8 J . 23.74 7.36 -1.87
O04 CV8 J . 19.40 1.82 -1.23
C18 CV8 J . 18.77 -0.31 -4.18
C19 CV8 J . 20.08 -0.70 -4.88
O05 CV8 J . 20.86 -1.63 -4.07
H09 CV8 J . 25.88 2.67 -6.26
H10 CV8 J . 26.84 3.87 -5.74
H16 CV8 J . 24.29 2.87 -3.12
H15 CV8 J . 24.52 1.93 -4.37
H17 CV8 J . 27.32 8.29 -2.40
H18 CV8 J . 26.99 7.46 -1.14
H19 CV8 J . 26.01 8.59 -1.60
H21 CV8 J . 21.77 7.43 -1.35
H25 CV8 J . 20.29 -0.73 -7.04
H26 CV8 J . 18.73 -1.35 -6.45
H24 CV8 J . 20.18 -2.33 -6.29
H28 CV8 J . 20.05 -4.20 -2.94
H29 CV8 J . 19.07 -3.24 -4.07
H30 CV8 J . 18.62 -3.31 -2.38
H27 CV8 J . 21.21 -2.38 -2.18
H02 CV8 J . 20.20 -0.58 -1.18
H03 CV8 J . 18.67 -1.40 -1.53
H04 CV8 J . 17.60 2.35 -3.03
H05 CV8 J . 18.77 2.42 -4.35
H06 CV8 J . 19.96 5.89 -1.72
H07 CV8 J . 22.70 4.31 -3.59
H08 CV8 J . 24.29 3.71 -5.14
H11 CV8 J . 26.78 1.41 -5.06
H12 CV8 J . 27.79 2.56 -4.69
H13 CV8 J . 26.65 3.04 -2.81
H14 CV8 J . 26.33 1.49 -2.89
H20 CV8 J . 23.99 8.18 -1.39
H23 CV8 J . 18.10 -1.18 -4.08
H22 CV8 J . 18.24 0.47 -4.73
H01 CV8 J . 20.69 0.21 -5.01
C1 GOL K . 20.63 22.61 23.11
O1 GOL K . 21.98 22.30 23.39
C2 GOL K . 20.28 22.24 21.67
O2 GOL K . 20.90 21.04 21.31
C3 GOL K . 18.76 22.10 21.49
O3 GOL K . 18.25 23.11 20.63
H11 GOL K . 19.99 22.05 23.80
H12 GOL K . 20.46 23.66 23.27
HO1 GOL K . 22.21 22.59 24.30
H2 GOL K . 20.62 23.04 21.01
HO2 GOL K . 20.57 20.30 21.87
H31 GOL K . 18.54 21.12 21.06
H32 GOL K . 18.27 22.16 22.46
HO3 GOL K . 18.80 23.17 19.83
#